data_7L1V
#
_entry.id   7L1V
#
_cell.length_a   1.00
_cell.length_b   1.00
_cell.length_c   1.00
_cell.angle_alpha   90.00
_cell.angle_beta   90.00
_cell.angle_gamma   90.00
#
_symmetry.space_group_name_H-M   'P 1'
#
loop_
_entity.id
_entity.type
_entity.pdbx_description
1 polymer 'Engineered Guanine nucleotide-binding protein subunit alpha'
2 polymer 'Guanine nucleotide-binding protein G(I)/G(S)/G(T) subunit beta-1'
3 polymer 'Guanine nucleotide-binding protein G(I)/G(S)/G(O) subunit gamma-2'
4 polymer 'single-chain antibody Fv fragment (svFv16)'
5 polymer 'Hypocretin receptor type 2'
6 polymer 'Synthetic nanobody 51 (Sb51)'
7 non-polymer "4'-methoxy-N,N-dimethyl-3'-{[3-(2-{[2-(2H-1,2,3-triazol-2-yl)benzene-1-carbonyl]amino}ethyl)phenyl]sulfamoyl}[1,1'-biphenyl]-3-carboxamide"
#
loop_
_entity_poly.entity_id
_entity_poly.type
_entity_poly.pdbx_seq_one_letter_code
_entity_poly.pdbx_strand_id
1 'polypeptide(L)'
;GTLSAEDKAAVERSKMIEKQLQKDKQVYRRTLRLLLLGADNSGKSTIVKQMRILHGGSGGSGGTSGIFETKFQVDKVNFH
MFDVGGQRDERRKWIQCFNDVTAIIFVVDSSDYNRLQEALNDFKSIWNNRWLRTISVILFLNKQDLLAEKVLAGKSKIED
YFPEFARYTTPEDATPEPGEDPRVTRAKYFIRKEFVDISTASGDGRHICYPHFTCAVDTENARRIFNDCKDIILQMNLRE
YNLV
;
A
2 'polypeptide(L)'
;MGHHHHHHHHSELDQLRQEAEQLKNQIRDARKACADATLSQITNNIDPVGRIQMRTRRTLRGHLAKIYAMHWGTDSRLLV
SASQDGKLIIWDSYTTNKVHAIPLRSSWVMTCAYAPSGNYVACGGLDNICSIYNLKTREGNVRVSRELAGHTGYLSCCRF
LDDNQIVTSSGDTTCALWDIETGQQTTTFTGHTGDVMSLSLAPDTRLFVSGACDASAKLWDVREGMCRQTFTGHESDINA
ICFFPNGNAFATGSDDATCRLFDLRADQELMTYSHDNIICGITSVSFSKSGRLLLAGYDDFNCNVWDALKADRAGVLAGH
DNRVSCLGVTDDGMAVATGSWDSFLKIWN
;
B
3 'polypeptide(L)' MASNNTASIAQARKLVEQLKMEANIDRIKVSKAAADLMAYCEAHAKEDPLLTPVPASENPFREKKFFSAIL C
4 'polypeptide(L)'
;GSDVQLVESGGGLVQPGGSRKLSCSASGFAFSSFGMHWVRQAPEKGLEWVAYISSGSGTIYYADTVKGRFTISRDDPKNT
LFLQMTSLRSEDTAMYYCVRSIYYYGSSPFDFWGQGTTLTVSSGGGGSGGGGSGGGGSDIVMTQATSSVPVTPGESVSIS
CRSSKSLLHSNGNTYLYWFLQRPGQSPQLLIYRMSNLASGVPDRFSGSGSGTAFTLTISRLEAEDVGVYYCMQHLEYPLT
FGAGTKLELK
;
H
5 'polypeptide(L)'
;DYKDDDAMGTKLEDSPPCRNWSSASELNETQEPFLNPTDYDDEEFLRYLWREYLHPKEYEWVLIAGYIIVFVVALIGNVL
VCVAVWKNHHMRTVTNYFIVNLSLADVLVTITCLPATLVVDITETWFFGQSLCKVIPYLQTVSVSVSVLTLSCIALDRWY
AICHPLMFKSTAKRARNSIVIIWIVSCIIMIPQAIVMECSTVFPGLANKTTLFTVCDERWGGEIYPKMYHICFFLVTYMA
PLCLMVLAYLQIFRKLWCRQIPGTSSEIKQIRARRKTARMLMVVLLVFAICYLPISILNVLKRVFGMFAHTEDRETVYAW
FTFSHWLVYANSAANPIIYNFLSGKFREEFKAAFSCCCLGVHHRHHHHHHHHHH
;
R
6 'polypeptide(L)'
;GSSSQVQLVESGGGLVQAGGSLRLSCAASGFPVGRVMYWYRQAPGKEREWVAAISSHGDMTAYADSVKGRFTISRDNAKN
TVYLQMNSLKPEDTAVYYCEVYVGYFYHGQGTQVTVSA
;
S
#
loop_
_chem_comp.id
_chem_comp.type
_chem_comp.name
_chem_comp.formula
XGD non-polymer 4'-methoxy-N,N-dimethyl-3'-{[3-(2-{[2-(2H-1,2,3-triazol-2-yl)benzene-1-carbonyl]amino}ethyl)phenyl]sulfamoyl}[1,1'-biphenyl]-3-carboxamide 'C33 H32 N6 O5 S'
#
# COMPACT_ATOMS: atom_id res chain seq x y z
N THR A 2 -4.53 -3.64 -26.57
CA THR A 2 -3.59 -3.45 -27.67
C THR A 2 -2.19 -3.92 -27.28
N LEU A 3 -2.09 -4.65 -26.17
CA LEU A 3 -0.81 -5.19 -25.75
C LEU A 3 -0.37 -6.32 -26.67
N SER A 4 0.94 -6.57 -26.67
CA SER A 4 1.50 -7.66 -27.44
C SER A 4 1.55 -8.93 -26.57
N ALA A 5 2.19 -9.97 -27.08
CA ALA A 5 2.36 -11.18 -26.29
C ALA A 5 3.44 -10.99 -25.24
N GLU A 6 4.56 -10.38 -25.63
CA GLU A 6 5.65 -10.11 -24.70
C GLU A 6 5.25 -9.07 -23.67
N ASP A 7 4.38 -8.13 -24.04
CA ASP A 7 3.92 -7.13 -23.08
C ASP A 7 3.00 -7.75 -22.04
N LYS A 8 2.15 -8.69 -22.46
CA LYS A 8 1.27 -9.37 -21.52
C LYS A 8 2.08 -10.29 -20.58
N ALA A 9 3.14 -10.91 -21.10
CA ALA A 9 3.96 -11.75 -20.23
C ALA A 9 4.79 -10.91 -19.26
N ALA A 10 5.20 -9.71 -19.67
CA ALA A 10 5.88 -8.81 -18.74
C ALA A 10 4.94 -8.32 -17.64
N VAL A 11 3.68 -8.04 -17.99
CA VAL A 11 2.69 -7.68 -16.98
C VAL A 11 2.42 -8.84 -16.01
N GLU A 12 2.41 -10.07 -16.52
CA GLU A 12 2.23 -11.23 -15.66
C GLU A 12 3.41 -11.44 -14.70
N ARG A 13 4.64 -11.17 -15.18
CA ARG A 13 5.81 -11.18 -14.32
C ARG A 13 5.71 -10.13 -13.22
N SER A 14 5.26 -8.92 -13.57
CA SER A 14 5.05 -7.85 -12.59
C SER A 14 4.00 -8.25 -11.56
N LYS A 15 2.96 -8.96 -11.98
CA LYS A 15 1.92 -9.40 -11.04
C LYS A 15 2.44 -10.44 -10.06
N MET A 16 3.29 -11.36 -10.55
CA MET A 16 3.85 -12.35 -9.62
C MET A 16 4.83 -11.72 -8.64
N ILE A 17 5.57 -10.70 -9.09
CA ILE A 17 6.43 -9.93 -8.19
C ILE A 17 5.60 -9.24 -7.12
N GLU A 18 4.44 -8.68 -7.51
CA GLU A 18 3.55 -8.05 -6.53
C GLU A 18 2.95 -9.05 -5.54
N LYS A 19 2.69 -10.27 -5.98
CA LYS A 19 2.21 -11.31 -5.06
C LYS A 19 3.25 -11.64 -4.00
N GLN A 20 4.51 -11.83 -4.42
CA GLN A 20 5.58 -12.10 -3.47
C GLN A 20 5.82 -10.92 -2.53
N LEU A 21 5.66 -9.70 -3.04
CA LEU A 21 5.78 -8.52 -2.20
C LEU A 21 4.65 -8.41 -1.18
N GLN A 22 3.45 -8.88 -1.53
CA GLN A 22 2.35 -8.87 -0.55
C GLN A 22 2.58 -9.90 0.54
N LYS A 23 3.12 -11.07 0.21
CA LYS A 23 3.50 -12.04 1.24
C LYS A 23 4.59 -11.48 2.15
N ASP A 24 5.55 -10.77 1.58
CA ASP A 24 6.58 -10.12 2.39
C ASP A 24 6.02 -9.01 3.28
N LYS A 25 4.98 -8.31 2.82
CA LYS A 25 4.35 -7.30 3.66
C LYS A 25 3.61 -7.94 4.83
N GLN A 26 2.96 -9.08 4.58
CA GLN A 26 2.29 -9.80 5.65
C GLN A 26 3.28 -10.31 6.69
N VAL A 27 4.49 -10.68 6.28
CA VAL A 27 5.50 -11.02 7.28
C VAL A 27 6.05 -9.78 7.98
N TYR A 28 6.30 -8.70 7.24
CA TYR A 28 6.99 -7.52 7.77
C TYR A 28 6.11 -6.70 8.71
N ARG A 29 4.79 -6.76 8.56
CA ARG A 29 3.91 -5.93 9.38
C ARG A 29 3.84 -6.41 10.82
N ARG A 30 3.95 -7.70 11.05
CA ARG A 30 3.75 -8.30 12.36
C ARG A 30 5.04 -8.48 13.15
N THR A 31 6.12 -7.80 12.77
CA THR A 31 7.38 -7.91 13.49
C THR A 31 7.71 -6.60 14.17
N LEU A 32 8.53 -6.68 15.21
CA LEU A 32 8.78 -5.54 16.09
C LEU A 32 10.27 -5.24 16.09
N ARG A 33 10.61 -4.04 15.61
CA ARG A 33 11.99 -3.59 15.54
C ARG A 33 12.35 -2.80 16.79
N LEU A 34 13.48 -3.12 17.39
CA LEU A 34 13.91 -2.51 18.64
C LEU A 34 15.32 -1.99 18.49
N LEU A 35 15.50 -0.67 18.58
CA LEU A 35 16.83 -0.09 18.44
C LEU A 35 17.53 -0.18 19.80
N LEU A 36 18.56 -1.00 19.88
CA LEU A 36 19.28 -1.22 21.13
C LEU A 36 20.51 -0.35 21.18
N LEU A 37 20.65 0.43 22.26
CA LEU A 37 21.83 1.26 22.42
C LEU A 37 22.11 1.52 23.89
N GLY A 38 23.15 2.28 24.14
CA GLY A 38 23.77 2.36 25.44
C GLY A 38 25.26 2.63 25.28
N ALA A 39 25.95 2.66 26.41
CA ALA A 39 27.36 2.99 26.37
C ALA A 39 28.21 1.73 26.26
N ASP A 40 29.52 1.92 26.32
CA ASP A 40 30.47 0.83 26.07
C ASP A 40 30.61 -0.10 27.26
N ASN A 41 30.34 0.38 28.47
CA ASN A 41 30.45 -0.44 29.67
C ASN A 41 29.10 -0.95 30.17
N SER A 42 28.05 -0.84 29.35
CA SER A 42 26.69 -1.02 29.82
C SER A 42 26.29 -2.48 29.99
N GLY A 43 27.02 -3.42 29.40
CA GLY A 43 26.52 -4.78 29.35
C GLY A 43 25.43 -4.95 28.32
N LYS A 44 25.49 -4.15 27.26
CA LYS A 44 24.44 -4.13 26.25
C LYS A 44 24.42 -5.41 25.43
N SER A 45 25.59 -5.97 25.15
CA SER A 45 25.69 -7.21 24.38
C SER A 45 25.41 -8.45 25.21
N THR A 46 25.65 -8.41 26.52
CA THR A 46 25.40 -9.57 27.36
C THR A 46 23.91 -9.71 27.67
N ILE A 47 23.11 -8.66 27.44
CA ILE A 47 21.67 -8.84 27.44
C ILE A 47 21.25 -9.70 26.25
N VAL A 48 21.77 -9.41 25.06
CA VAL A 48 21.27 -10.03 23.85
C VAL A 48 21.94 -11.37 23.55
N LYS A 49 23.08 -11.67 24.18
CA LYS A 49 23.65 -12.99 24.04
C LYS A 49 23.05 -13.98 25.02
N GLN A 50 22.47 -13.50 26.12
CA GLN A 50 21.82 -14.35 27.10
C GLN A 50 20.32 -14.47 26.87
N MET A 51 19.84 -14.15 25.68
CA MET A 51 18.41 -14.25 25.38
C MET A 51 18.20 -14.65 23.93
N ILE A 67 27.87 -8.21 16.37
CA ILE A 67 26.55 -8.63 15.92
C ILE A 67 25.62 -7.43 15.77
N PHE A 68 25.29 -7.09 14.53
CA PHE A 68 24.30 -6.05 14.31
C PHE A 68 22.92 -6.54 14.71
N GLU A 69 22.41 -7.53 14.00
CA GLU A 69 21.02 -7.95 14.13
C GLU A 69 20.90 -9.15 15.06
N THR A 70 19.71 -9.32 15.62
CA THR A 70 19.38 -10.45 16.47
C THR A 70 17.89 -10.65 16.39
N LYS A 71 17.43 -11.87 16.17
CA LYS A 71 16.01 -12.17 16.15
C LYS A 71 15.68 -13.12 17.27
N PHE A 72 14.57 -12.87 17.97
CA PHE A 72 14.08 -13.82 18.96
C PHE A 72 12.55 -13.78 18.95
N GLN A 73 11.96 -14.59 19.82
CA GLN A 73 10.52 -14.81 19.80
C GLN A 73 10.00 -14.92 21.22
N VAL A 74 8.89 -14.25 21.49
CA VAL A 74 8.19 -14.39 22.77
C VAL A 74 6.71 -14.59 22.47
N ASP A 75 6.20 -15.78 22.80
CA ASP A 75 4.79 -16.16 22.62
C ASP A 75 4.34 -16.01 21.16
N LYS A 76 5.14 -16.58 20.24
CA LYS A 76 4.92 -16.53 18.79
C LYS A 76 4.86 -15.10 18.25
N VAL A 77 5.59 -14.18 18.88
CA VAL A 77 5.78 -12.83 18.37
C VAL A 77 7.25 -12.66 18.06
N ASN A 78 7.54 -12.07 16.90
CA ASN A 78 8.90 -11.95 16.38
C ASN A 78 9.48 -10.60 16.75
N PHE A 79 10.60 -10.59 17.46
CA PHE A 79 11.33 -9.38 17.77
C PHE A 79 12.65 -9.37 17.00
N HIS A 80 12.98 -8.19 16.45
CA HIS A 80 14.17 -8.00 15.62
C HIS A 80 14.94 -6.82 16.20
N MET A 81 15.94 -7.12 17.02
CA MET A 81 16.69 -6.11 17.75
C MET A 81 18.04 -5.90 17.10
N PHE A 82 18.44 -4.63 16.92
CA PHE A 82 19.66 -4.31 16.19
C PHE A 82 20.50 -3.30 16.94
N ASP A 83 21.75 -3.65 17.18
CA ASP A 83 22.73 -2.78 17.83
C ASP A 83 23.62 -2.17 16.77
N VAL A 84 23.57 -0.86 16.62
CA VAL A 84 24.36 -0.15 15.63
C VAL A 84 25.57 0.41 16.35
N GLY A 85 26.72 -0.24 16.16
CA GLY A 85 27.93 0.16 16.86
C GLY A 85 29.15 0.11 15.95
N GLY A 86 28.92 -0.14 14.67
CA GLY A 86 30.01 -0.18 13.70
C GLY A 86 30.53 1.18 13.30
N GLN A 87 29.84 2.25 13.69
CA GLN A 87 30.24 3.59 13.31
C GLN A 87 30.91 4.31 14.48
N ARG A 88 31.23 5.59 14.29
CA ARG A 88 31.93 6.40 15.27
C ARG A 88 30.91 7.08 16.19
N ASP A 89 31.37 8.06 16.99
CA ASP A 89 30.58 8.56 18.10
C ASP A 89 29.45 9.50 17.65
N GLU A 90 29.50 10.00 16.42
CA GLU A 90 28.49 10.94 15.95
C GLU A 90 27.26 10.15 15.50
N ARG A 91 26.26 10.06 16.38
CA ARG A 91 25.01 9.37 16.08
C ARG A 91 23.94 10.29 15.52
N ARG A 92 24.28 11.53 15.24
CA ARG A 92 23.27 12.52 14.88
C ARG A 92 22.78 12.39 13.44
N LYS A 93 23.39 11.52 12.63
CA LYS A 93 23.06 11.49 11.22
C LYS A 93 22.50 10.18 10.72
N TRP A 94 22.74 9.06 11.41
CA TRP A 94 22.13 7.81 11.01
C TRP A 94 20.89 7.48 11.81
N ILE A 95 20.59 8.27 12.86
CA ILE A 95 19.44 7.96 13.72
C ILE A 95 18.13 8.41 13.10
N GLN A 96 18.17 9.07 11.95
CA GLN A 96 16.96 9.33 11.18
C GLN A 96 16.42 8.07 10.54
N CYS A 97 17.25 7.03 10.40
CA CYS A 97 16.77 5.77 9.84
C CYS A 97 15.79 5.10 10.78
N PHE A 98 16.03 5.19 12.09
CA PHE A 98 15.19 4.55 13.09
C PHE A 98 14.24 5.55 13.71
N ASN A 99 13.31 6.06 12.90
CA ASN A 99 12.28 6.94 13.43
C ASN A 99 10.90 6.31 13.32
N ASP A 100 10.81 5.05 12.88
CA ASP A 100 9.58 4.29 12.93
C ASP A 100 9.77 2.94 13.63
N VAL A 101 10.78 2.82 14.49
CA VAL A 101 10.95 1.61 15.25
C VAL A 101 9.90 1.53 16.35
N THR A 102 9.75 0.35 16.93
CA THR A 102 8.77 0.17 17.99
C THR A 102 9.26 0.80 19.29
N ALA A 103 10.50 0.51 19.69
CA ALA A 103 11.04 1.06 20.92
C ALA A 103 12.54 1.20 20.82
N ILE A 104 13.09 1.96 21.77
CA ILE A 104 14.53 2.13 21.92
C ILE A 104 14.90 1.53 23.27
N ILE A 105 15.78 0.54 23.26
CA ILE A 105 16.21 -0.11 24.49
C ILE A 105 17.52 0.55 24.91
N PHE A 106 17.47 1.35 25.98
CA PHE A 106 18.61 2.10 26.48
C PHE A 106 19.18 1.37 27.69
N VAL A 107 20.44 0.95 27.61
CA VAL A 107 21.05 0.16 28.67
C VAL A 107 22.07 1.02 29.41
N VAL A 108 21.99 1.02 30.75
CA VAL A 108 22.80 1.89 31.60
C VAL A 108 23.55 1.05 32.62
N ASP A 109 24.87 1.15 32.63
CA ASP A 109 25.65 0.51 33.69
C ASP A 109 25.54 1.36 34.94
N SER A 110 24.68 0.95 35.86
CA SER A 110 24.32 1.79 36.99
C SER A 110 25.20 1.56 38.21
N SER A 111 26.45 1.15 38.05
CA SER A 111 27.32 0.92 39.19
C SER A 111 28.56 1.79 39.20
N ASP A 112 29.03 2.30 38.07
CA ASP A 112 30.10 3.29 38.08
C ASP A 112 29.47 4.67 38.08
N TYR A 113 29.70 5.42 39.15
CA TYR A 113 28.99 6.68 39.33
C TYR A 113 29.62 7.80 38.53
N ASN A 114 30.92 7.70 38.24
CA ASN A 114 31.59 8.77 37.51
C ASN A 114 31.22 8.81 36.04
N ARG A 115 30.68 7.73 35.50
CA ARG A 115 30.15 7.73 34.14
C ARG A 115 28.63 7.74 34.11
N LEU A 116 27.99 8.27 35.14
CA LEU A 116 26.54 8.27 35.22
C LEU A 116 25.94 9.55 34.66
N GLN A 117 26.61 10.69 34.85
CA GLN A 117 26.15 11.94 34.27
C GLN A 117 26.31 11.93 32.76
N GLU A 118 27.29 11.21 32.23
CA GLU A 118 27.40 11.03 30.78
C GLU A 118 26.21 10.25 30.24
N ALA A 119 25.76 9.23 30.98
CA ALA A 119 24.59 8.46 30.57
C ALA A 119 23.32 9.29 30.66
N LEU A 120 23.24 10.18 31.66
CA LEU A 120 22.07 11.05 31.78
C LEU A 120 22.04 12.08 30.66
N ASN A 121 23.20 12.60 30.28
CA ASN A 121 23.28 13.53 29.15
C ASN A 121 22.95 12.84 27.83
N ASP A 122 23.36 11.58 27.67
CA ASP A 122 23.04 10.84 26.46
C ASP A 122 21.56 10.51 26.38
N PHE A 123 20.94 10.17 27.53
CA PHE A 123 19.51 9.94 27.56
C PHE A 123 18.72 11.21 27.29
N LYS A 124 19.19 12.34 27.81
CA LYS A 124 18.59 13.62 27.50
C LYS A 124 18.75 14.00 26.03
N SER A 125 19.85 13.58 25.40
CA SER A 125 20.07 13.84 23.99
C SER A 125 19.22 12.95 23.09
N ILE A 126 18.85 11.77 23.55
CA ILE A 126 18.02 10.86 22.77
C ILE A 126 16.53 11.14 22.96
N TRP A 127 16.12 11.45 24.19
CA TRP A 127 14.72 11.71 24.50
C TRP A 127 14.22 12.98 23.81
N ASN A 128 15.08 13.98 23.66
CA ASN A 128 14.71 15.23 23.01
C ASN A 128 15.23 15.31 21.57
N ASN A 129 15.33 14.19 20.88
CA ASN A 129 15.72 14.18 19.48
C ASN A 129 14.49 14.42 18.62
N ARG A 130 14.66 15.13 17.51
CA ARG A 130 13.50 15.52 16.72
C ARG A 130 12.99 14.41 15.82
N TRP A 131 13.75 13.34 15.63
CA TRP A 131 13.24 12.19 14.90
C TRP A 131 12.65 11.14 15.82
N LEU A 132 13.03 11.14 17.09
CA LEU A 132 12.51 10.21 18.09
C LEU A 132 11.45 10.88 18.96
N ARG A 133 10.63 11.75 18.36
CA ARG A 133 9.59 12.45 19.12
C ARG A 133 8.37 11.58 19.39
N THR A 134 8.29 10.39 18.78
CA THR A 134 7.18 9.49 18.99
C THR A 134 7.63 8.09 19.38
N ILE A 135 8.89 7.92 19.75
CA ILE A 135 9.47 6.60 20.05
C ILE A 135 9.63 6.48 21.55
N SER A 136 9.11 5.40 22.12
CA SER A 136 9.23 5.16 23.55
C SER A 136 10.51 4.41 23.87
N VAL A 137 10.96 4.56 25.10
CA VAL A 137 12.25 4.04 25.54
C VAL A 137 12.01 3.02 26.65
N ILE A 138 12.52 1.81 26.45
CA ILE A 138 12.62 0.82 27.50
C ILE A 138 14.01 0.95 28.10
N LEU A 139 14.08 1.32 29.37
CA LEU A 139 15.34 1.65 30.02
C LEU A 139 15.73 0.53 30.97
N PHE A 140 16.88 -0.08 30.72
CA PHE A 140 17.40 -1.17 31.55
C PHE A 140 18.56 -0.63 32.36
N LEU A 141 18.36 -0.53 33.67
CA LEU A 141 19.39 -0.08 34.60
C LEU A 141 20.21 -1.31 35.00
N ASN A 142 21.11 -1.70 34.10
CA ASN A 142 21.87 -2.93 34.13
C ASN A 142 22.83 -2.96 35.32
N LYS A 143 23.27 -4.18 35.64
CA LYS A 143 24.32 -4.46 36.63
C LYS A 143 23.97 -3.93 38.01
N GLN A 144 22.83 -4.35 38.54
CA GLN A 144 22.46 -3.89 39.87
C GLN A 144 23.08 -4.74 40.98
N ASP A 145 23.67 -5.88 40.63
CA ASP A 145 24.40 -6.67 41.64
C ASP A 145 25.65 -5.94 42.09
N LEU A 146 26.37 -5.33 41.16
CA LEU A 146 27.53 -4.51 41.50
C LEU A 146 27.13 -3.26 42.27
N LEU A 147 25.96 -2.69 41.97
CA LEU A 147 25.47 -1.53 42.71
C LEU A 147 25.13 -1.90 44.15
N ALA A 148 24.49 -3.06 44.36
CA ALA A 148 24.18 -3.51 45.70
C ALA A 148 25.44 -3.82 46.49
N GLU A 149 26.43 -4.46 45.85
CA GLU A 149 27.69 -4.75 46.52
C GLU A 149 28.49 -3.50 46.85
N LYS A 150 28.49 -2.50 45.96
CA LYS A 150 29.21 -1.26 46.23
C LYS A 150 28.52 -0.40 47.28
N VAL A 151 27.19 -0.47 47.36
CA VAL A 151 26.49 0.26 48.41
C VAL A 151 26.69 -0.41 49.76
N LEU A 152 26.60 -1.75 49.81
CA LEU A 152 26.85 -2.47 51.05
C LEU A 152 28.31 -2.49 51.46
N ALA A 153 29.23 -2.15 50.55
CA ALA A 153 30.62 -1.97 50.94
C ALA A 153 30.82 -0.64 51.66
N GLY A 154 30.32 0.45 51.09
CA GLY A 154 30.40 1.74 51.72
C GLY A 154 31.67 2.53 51.45
N LYS A 155 32.48 2.09 50.48
CA LYS A 155 33.73 2.78 50.16
C LYS A 155 33.58 3.85 49.09
N SER A 156 32.54 3.76 48.26
CA SER A 156 32.26 4.73 47.21
C SER A 156 30.87 5.31 47.48
N LYS A 157 30.81 6.59 47.79
CA LYS A 157 29.53 7.22 48.10
C LYS A 157 28.97 7.96 46.89
N ILE A 158 27.65 8.08 46.84
CA ILE A 158 27.00 8.66 45.67
C ILE A 158 26.86 10.18 45.83
N GLU A 159 26.96 10.70 47.05
CA GLU A 159 26.86 12.15 47.21
C GLU A 159 28.14 12.88 46.85
N ASP A 160 29.23 12.15 46.57
CA ASP A 160 30.42 12.80 46.01
C ASP A 160 30.21 13.19 44.55
N TYR A 161 29.31 12.50 43.85
CA TYR A 161 29.00 12.76 42.45
C TYR A 161 27.63 13.39 42.26
N PHE A 162 26.66 13.00 43.07
CA PHE A 162 25.31 13.55 43.01
C PHE A 162 24.95 14.02 44.42
N PRO A 163 25.10 15.32 44.73
CA PRO A 163 24.97 15.75 46.13
C PRO A 163 23.54 15.73 46.66
N GLU A 164 22.54 15.71 45.79
CA GLU A 164 21.14 15.69 46.23
C GLU A 164 20.78 14.37 46.90
N PHE A 165 21.60 13.34 46.72
CA PHE A 165 21.48 12.09 47.46
C PHE A 165 21.70 12.26 48.96
N ALA A 166 22.30 13.37 49.40
CA ALA A 166 22.34 13.65 50.84
C ALA A 166 20.97 14.03 51.39
N ARG A 167 19.99 14.32 50.52
CA ARG A 167 18.68 14.80 50.95
C ARG A 167 17.56 13.86 50.53
N TYR A 168 17.87 12.68 50.01
CA TYR A 168 16.89 11.82 49.39
C TYR A 168 16.51 10.68 50.33
N THR A 169 15.22 10.54 50.59
CA THR A 169 14.67 9.40 51.33
C THR A 169 13.78 8.59 50.40
N THR A 170 13.87 7.27 50.53
CA THR A 170 13.15 6.38 49.64
C THR A 170 11.65 6.43 49.90
N PRO A 171 10.82 6.47 48.86
CA PRO A 171 9.38 6.64 49.08
C PRO A 171 8.73 5.35 49.54
N GLU A 172 7.64 5.50 50.28
CA GLU A 172 6.92 4.36 50.83
C GLU A 172 6.15 3.58 49.77
N ASP A 173 5.95 4.15 48.58
CA ASP A 173 5.24 3.48 47.50
C ASP A 173 6.17 2.66 46.62
N ALA A 174 7.36 2.34 47.10
CA ALA A 174 8.27 1.50 46.35
C ALA A 174 7.94 0.03 46.55
N THR A 175 8.53 -0.81 45.70
CA THR A 175 8.35 -2.26 45.74
C THR A 175 9.71 -2.90 45.98
N PRO A 176 10.16 -3.00 47.22
CA PRO A 176 11.46 -3.61 47.49
C PRO A 176 11.43 -5.12 47.34
N GLU A 177 12.49 -5.66 46.76
CA GLU A 177 12.66 -7.10 46.62
C GLU A 177 12.92 -7.73 47.99
N PRO A 178 12.61 -9.02 48.16
CA PRO A 178 12.87 -9.67 49.46
C PRO A 178 14.37 -9.81 49.71
N GLY A 179 14.84 -9.23 50.80
CA GLY A 179 16.23 -9.26 51.18
C GLY A 179 16.96 -7.94 51.00
N GLU A 180 16.31 -6.92 50.45
CA GLU A 180 16.96 -5.66 50.16
C GLU A 180 17.24 -4.89 51.45
N ASP A 181 18.42 -4.27 51.49
CA ASP A 181 18.72 -3.27 52.50
C ASP A 181 17.98 -1.99 52.15
N PRO A 182 17.74 -1.12 53.13
CA PRO A 182 17.21 0.21 52.78
C PRO A 182 18.20 1.06 52.01
N ARG A 183 19.51 0.82 52.17
CA ARG A 183 20.51 1.63 51.49
C ARG A 183 20.56 1.30 50.00
N VAL A 184 20.48 0.01 49.66
CA VAL A 184 20.44 -0.40 48.26
C VAL A 184 19.17 0.11 47.58
N THR A 185 18.05 0.08 48.30
CA THR A 185 16.79 0.55 47.75
C THR A 185 16.80 2.06 47.54
N ARG A 186 17.44 2.79 48.47
CA ARG A 186 17.57 4.23 48.33
C ARG A 186 18.43 4.60 47.13
N ALA A 187 19.55 3.89 46.95
CA ALA A 187 20.42 4.12 45.79
C ALA A 187 19.70 3.82 44.47
N LYS A 188 19.01 2.67 44.41
CA LYS A 188 18.32 2.26 43.20
C LYS A 188 17.22 3.23 42.82
N TYR A 189 16.42 3.66 43.79
CA TYR A 189 15.34 4.58 43.46
C TYR A 189 15.83 5.99 43.21
N PHE A 190 17.01 6.37 43.73
CA PHE A 190 17.58 7.64 43.33
C PHE A 190 18.03 7.64 41.88
N ILE A 191 18.65 6.55 41.43
CA ILE A 191 19.10 6.48 40.03
C ILE A 191 17.90 6.44 39.07
N ARG A 192 16.87 5.65 39.42
CA ARG A 192 15.64 5.62 38.65
C ARG A 192 14.96 6.98 38.61
N LYS A 193 15.00 7.74 39.73
CA LYS A 193 14.42 9.07 39.74
C LYS A 193 15.20 10.03 38.86
N GLU A 194 16.54 9.88 38.84
CA GLU A 194 17.37 10.74 38.01
C GLU A 194 17.10 10.54 36.52
N PHE A 195 16.69 9.33 36.13
CA PHE A 195 16.31 9.18 34.73
C PHE A 195 14.86 9.58 34.44
N VAL A 196 13.93 9.30 35.35
CA VAL A 196 12.54 9.66 35.05
C VAL A 196 12.26 11.15 35.23
N ASP A 197 13.17 11.91 35.87
CA ASP A 197 13.08 13.36 35.83
C ASP A 197 13.27 13.89 34.41
N ILE A 198 14.22 13.33 33.68
CA ILE A 198 14.42 13.71 32.28
C ILE A 198 13.27 13.19 31.42
N SER A 199 12.76 12.00 31.73
CA SER A 199 11.72 11.44 30.87
C SER A 199 10.36 12.09 31.08
N THR A 200 10.08 12.64 32.26
CA THR A 200 8.78 13.24 32.53
C THR A 200 8.74 14.74 32.32
N ALA A 201 9.80 15.34 31.79
CA ALA A 201 9.85 16.78 31.59
C ALA A 201 9.57 17.19 30.15
N SER A 202 9.28 16.23 29.27
CA SER A 202 9.00 16.53 27.87
C SER A 202 8.18 15.40 27.29
N GLY A 203 7.44 15.75 26.23
CA GLY A 203 6.71 14.78 25.41
C GLY A 203 5.66 13.97 26.12
N ASP A 204 4.75 14.63 26.84
CA ASP A 204 3.71 13.91 27.56
C ASP A 204 2.66 13.41 26.60
N GLY A 205 2.41 12.09 26.64
CA GLY A 205 1.45 11.46 25.76
C GLY A 205 2.02 10.94 24.46
N ARG A 206 3.08 11.58 23.95
CA ARG A 206 3.67 11.11 22.69
C ARG A 206 4.47 9.83 22.91
N HIS A 207 5.23 9.76 23.99
CA HIS A 207 6.03 8.57 24.28
C HIS A 207 6.35 8.52 25.77
N ILE A 208 6.47 7.28 26.28
CA ILE A 208 6.65 6.99 27.70
C ILE A 208 8.04 6.38 27.87
N CYS A 209 8.49 6.27 29.11
CA CYS A 209 9.72 5.56 29.46
C CYS A 209 9.40 4.46 30.45
N TYR A 210 10.01 3.29 30.27
CA TYR A 210 9.73 2.10 31.08
C TYR A 210 11.01 1.66 31.78
N PRO A 211 11.26 2.09 33.02
CA PRO A 211 12.52 1.75 33.69
C PRO A 211 12.45 0.40 34.39
N HIS A 212 13.38 -0.49 34.08
CA HIS A 212 13.50 -1.79 34.72
C HIS A 212 14.89 -1.92 35.32
N PHE A 213 15.00 -2.70 36.40
CA PHE A 213 16.28 -3.02 36.99
C PHE A 213 16.68 -4.43 36.59
N THR A 214 17.97 -4.63 36.28
CA THR A 214 18.43 -5.85 35.64
C THR A 214 19.74 -6.27 36.28
N CYS A 215 19.94 -7.57 36.44
CA CYS A 215 21.24 -8.10 36.82
C CYS A 215 22.01 -8.53 35.57
N ALA A 216 23.21 -9.08 35.76
CA ALA A 216 23.96 -9.63 34.65
C ALA A 216 23.50 -11.03 34.28
N VAL A 217 23.06 -11.80 35.26
CA VAL A 217 22.56 -13.15 35.04
C VAL A 217 21.04 -13.19 35.04
N ASP A 218 20.39 -12.06 34.76
CA ASP A 218 18.95 -11.97 34.79
C ASP A 218 18.37 -12.57 33.52
N THR A 219 17.22 -13.24 33.65
CA THR A 219 16.64 -13.98 32.56
C THR A 219 15.23 -13.52 32.17
N GLU A 220 14.69 -12.52 32.85
CA GLU A 220 13.34 -12.06 32.59
C GLU A 220 13.27 -10.93 31.58
N ASN A 221 14.32 -10.73 30.78
CA ASN A 221 14.42 -9.52 29.97
C ASN A 221 13.53 -9.60 28.73
N ALA A 222 13.39 -10.78 28.12
CA ALA A 222 12.55 -10.90 26.94
C ALA A 222 11.07 -10.72 27.28
N ARG A 223 10.67 -11.22 28.45
CA ARG A 223 9.31 -11.01 28.92
C ARG A 223 9.04 -9.53 29.22
N ARG A 224 10.04 -8.83 29.75
CA ARG A 224 9.91 -7.41 30.04
C ARG A 224 9.76 -6.57 28.77
N ILE A 225 10.61 -6.84 27.77
CA ILE A 225 10.49 -6.17 26.48
C ILE A 225 9.16 -6.50 25.82
N PHE A 226 8.68 -7.74 25.97
CA PHE A 226 7.39 -8.15 25.40
C PHE A 226 6.23 -7.37 26.02
N ASN A 227 6.20 -7.28 27.35
CA ASN A 227 5.13 -6.56 28.04
C ASN A 227 5.16 -5.06 27.73
N ASP A 228 6.35 -4.47 27.67
CA ASP A 228 6.45 -3.05 27.35
C ASP A 228 6.07 -2.75 25.91
N CYS A 229 6.39 -3.64 24.97
CA CYS A 229 5.97 -3.44 23.59
C CYS A 229 4.47 -3.64 23.42
N LYS A 230 3.89 -4.53 24.22
CA LYS A 230 2.44 -4.68 24.27
C LYS A 230 1.76 -3.38 24.70
N ASP A 231 2.32 -2.74 25.74
CA ASP A 231 1.75 -1.48 26.20
C ASP A 231 2.00 -0.34 25.20
N ILE A 232 3.14 -0.36 24.52
CA ILE A 232 3.46 0.64 23.50
C ILE A 232 2.47 0.57 22.33
N ILE A 233 2.20 -0.64 21.85
CA ILE A 233 1.27 -0.78 20.72
C ILE A 233 -0.17 -0.55 21.17
N LEU A 234 -0.50 -0.84 22.44
CA LEU A 234 -1.82 -0.50 22.97
C LEU A 234 -2.04 1.01 22.98
N GLN A 235 -1.02 1.77 23.40
CA GLN A 235 -1.16 3.23 23.40
C GLN A 235 -1.19 3.79 21.98
N MET A 236 -0.42 3.20 21.06
CA MET A 236 -0.46 3.62 19.67
C MET A 236 -1.83 3.37 19.04
N ASN A 237 -2.46 2.25 19.40
CA ASN A 237 -3.81 1.95 18.94
C ASN A 237 -4.86 2.86 19.56
N LEU A 238 -4.69 3.23 20.83
CA LEU A 238 -5.57 4.22 21.44
C LEU A 238 -5.44 5.58 20.77
N ARG A 239 -4.25 5.92 20.31
CA ARG A 239 -4.06 7.21 19.65
C ARG A 239 -4.64 7.22 18.24
N GLU A 240 -4.34 6.20 17.43
CA GLU A 240 -4.70 6.25 16.03
C GLU A 240 -6.17 5.95 15.76
N TYR A 241 -6.93 5.49 16.75
CA TYR A 241 -8.33 5.13 16.58
C TYR A 241 -9.27 6.28 16.95
N ASN A 242 -8.73 7.49 17.10
CA ASN A 242 -9.44 8.67 17.63
C ASN A 242 -10.11 8.35 18.96
N LEU A 243 -9.37 7.63 19.80
CA LEU A 243 -9.95 6.96 20.94
C LEU A 243 -9.30 7.35 22.25
N VAL A 244 -8.28 8.21 22.22
CA VAL A 244 -7.55 8.56 23.44
C VAL A 244 -8.18 9.77 24.11
N SER B 11 55.54 25.67 19.96
CA SER B 11 55.36 26.93 19.24
C SER B 11 55.24 26.69 17.74
N GLU B 12 55.75 25.54 17.28
CA GLU B 12 55.66 25.21 15.86
C GLU B 12 54.23 24.88 15.46
N LEU B 13 53.45 24.31 16.38
CA LEU B 13 52.03 24.09 16.13
C LEU B 13 51.30 25.41 15.99
N ASP B 14 51.59 26.37 16.88
CA ASP B 14 50.98 27.69 16.78
C ASP B 14 51.48 28.45 15.56
N GLN B 15 52.74 28.23 15.16
CA GLN B 15 53.27 28.90 13.97
C GLN B 15 52.62 28.38 12.70
N LEU B 16 52.44 27.06 12.59
CA LEU B 16 51.75 26.52 11.42
C LEU B 16 50.25 26.83 11.46
N ARG B 17 49.66 26.97 12.65
CA ARG B 17 48.27 27.40 12.71
C ARG B 17 48.11 28.86 12.26
N GLN B 18 49.05 29.72 12.64
CA GLN B 18 49.03 31.10 12.18
C GLN B 18 49.27 31.18 10.67
N GLU B 19 50.13 30.32 10.15
CA GLU B 19 50.34 30.28 8.70
C GLU B 19 49.12 29.75 7.96
N ALA B 20 48.42 28.78 8.54
CA ALA B 20 47.21 28.26 7.90
C ALA B 20 46.08 29.28 7.90
N GLU B 21 45.93 30.05 8.99
CA GLU B 21 44.89 31.08 8.98
C GLU B 21 45.30 32.26 8.11
N GLN B 22 46.60 32.52 7.95
CA GLN B 22 47.05 33.56 7.03
C GLN B 22 46.81 33.15 5.59
N LEU B 23 46.99 31.86 5.27
CA LEU B 23 46.67 31.37 3.94
C LEU B 23 45.17 31.39 3.68
N LYS B 24 44.35 31.09 4.70
CA LYS B 24 42.91 31.21 4.52
C LYS B 24 42.49 32.66 4.30
N ASN B 25 43.17 33.60 4.95
CA ASN B 25 42.93 35.01 4.70
C ASN B 25 43.30 35.43 3.28
N GLN B 26 44.43 34.93 2.76
CA GLN B 26 44.78 35.31 1.39
C GLN B 26 43.91 34.59 0.36
N ILE B 27 43.37 33.42 0.71
CA ILE B 27 42.41 32.74 -0.15
C ILE B 27 41.12 33.55 -0.24
N ARG B 28 40.63 34.04 0.91
CA ARG B 28 39.45 34.89 0.92
C ARG B 28 39.70 36.20 0.21
N ASP B 29 40.93 36.72 0.27
CA ASP B 29 41.29 37.92 -0.48
C ASP B 29 41.24 37.67 -1.98
N ALA B 30 41.78 36.54 -2.43
CA ALA B 30 41.76 36.22 -3.85
C ALA B 30 40.34 35.94 -4.34
N ARG B 31 39.47 35.42 -3.47
CA ARG B 31 38.08 35.25 -3.85
C ARG B 31 37.34 36.58 -3.95
N LYS B 32 37.61 37.51 -3.03
CA LYS B 32 36.91 38.79 -3.06
C LYS B 32 37.49 39.72 -4.11
N ALA B 33 38.70 39.44 -4.59
CA ALA B 33 39.31 40.29 -5.62
C ALA B 33 38.61 40.11 -6.96
N CYS B 34 38.22 38.88 -7.30
CA CYS B 34 37.62 38.57 -8.57
C CYS B 34 36.11 38.75 -8.58
N ALA B 35 35.51 39.29 -7.54
CA ALA B 35 34.08 39.51 -7.48
C ALA B 35 33.75 40.86 -8.09
N ASP B 36 33.36 40.87 -9.36
CA ASP B 36 32.98 42.10 -10.04
C ASP B 36 31.48 42.32 -10.16
N ALA B 37 30.68 41.26 -10.15
CA ALA B 37 29.23 41.43 -10.22
C ALA B 37 28.57 40.29 -9.48
N THR B 38 27.26 40.20 -9.61
CA THR B 38 26.45 39.17 -8.99
C THR B 38 25.69 38.44 -10.09
N LEU B 39 25.41 37.15 -9.87
CA LEU B 39 24.56 36.42 -10.79
C LEU B 39 23.15 37.01 -10.84
N SER B 40 22.68 37.56 -9.72
CA SER B 40 21.40 38.27 -9.75
C SER B 40 21.52 39.65 -10.36
N GLN B 41 22.73 40.10 -10.67
CA GLN B 41 22.92 41.42 -11.27
C GLN B 41 23.11 41.36 -12.78
N ILE B 42 23.82 40.36 -13.28
CA ILE B 42 23.96 40.17 -14.73
C ILE B 42 22.67 39.65 -15.35
N THR B 43 21.98 38.75 -14.65
CA THR B 43 20.74 38.17 -15.15
C THR B 43 19.52 38.94 -14.70
N ASN B 44 19.62 40.26 -14.56
CA ASN B 44 18.45 41.08 -14.32
C ASN B 44 17.55 41.17 -15.54
N ASN B 45 18.13 41.25 -16.73
CA ASN B 45 17.37 41.53 -17.94
C ASN B 45 16.70 40.30 -18.54
N ILE B 46 16.96 39.10 -18.00
CA ILE B 46 16.39 37.89 -18.55
C ILE B 46 14.90 37.83 -18.23
N ASP B 47 14.08 37.50 -19.23
CA ASP B 47 12.66 37.30 -18.98
C ASP B 47 12.45 36.04 -18.15
N PRO B 48 11.55 36.07 -17.18
CA PRO B 48 11.42 34.93 -16.25
C PRO B 48 10.76 33.70 -16.85
N VAL B 49 10.61 32.66 -16.02
CA VAL B 49 10.12 31.38 -16.52
C VAL B 49 8.60 31.37 -16.59
N GLY B 50 7.94 31.74 -15.49
CA GLY B 50 6.52 31.55 -15.37
C GLY B 50 6.16 30.42 -14.43
N ARG B 51 4.90 30.39 -14.03
CA ARG B 51 4.42 29.39 -13.07
C ARG B 51 4.33 28.04 -13.76
N ILE B 52 5.15 27.09 -13.32
CA ILE B 52 5.23 25.77 -13.93
C ILE B 52 4.28 24.83 -13.21
N GLN B 53 3.43 24.14 -13.98
CA GLN B 53 2.46 23.21 -13.43
C GLN B 53 2.83 21.81 -13.91
N MET B 54 3.69 21.15 -13.15
CA MET B 54 4.07 19.77 -13.44
C MET B 54 3.17 18.82 -12.66
N ARG B 55 2.47 17.96 -13.38
CA ARG B 55 1.47 17.08 -12.79
C ARG B 55 1.98 15.65 -12.72
N THR B 56 1.45 14.91 -11.75
CA THR B 56 1.86 13.53 -11.51
C THR B 56 1.33 12.62 -12.60
N ARG B 57 2.23 11.96 -13.32
CA ARG B 57 1.85 11.03 -14.38
C ARG B 57 1.72 9.60 -13.86
N ARG B 58 2.79 9.07 -13.26
CA ARG B 58 2.78 7.73 -12.71
C ARG B 58 3.00 7.78 -11.21
N THR B 59 2.42 6.81 -10.51
CA THR B 59 2.76 6.55 -9.11
C THR B 59 3.17 5.08 -9.04
N LEU B 60 4.32 4.82 -8.45
CA LEU B 60 4.87 3.47 -8.38
C LEU B 60 4.70 2.97 -6.95
N ARG B 61 3.78 2.03 -6.75
CA ARG B 61 3.38 1.58 -5.42
C ARG B 61 3.76 0.11 -5.25
N GLY B 62 4.98 -0.14 -4.80
CA GLY B 62 5.35 -1.49 -4.46
C GLY B 62 6.12 -1.66 -3.17
N HIS B 63 6.62 -0.58 -2.60
CA HIS B 63 7.52 -0.68 -1.46
C HIS B 63 6.73 -0.74 -0.16
N LEU B 64 7.35 -1.30 0.86
CA LEU B 64 6.70 -1.50 2.15
C LEU B 64 7.12 -0.50 3.21
N ALA B 65 8.31 0.08 3.09
CA ALA B 65 8.83 1.02 4.07
C ALA B 65 9.30 2.26 3.32
N LYS B 66 10.01 3.14 4.02
CA LYS B 66 10.44 4.41 3.46
C LYS B 66 11.48 4.23 2.37
N ILE B 67 11.29 4.91 1.23
CA ILE B 67 12.23 4.87 0.14
C ILE B 67 13.38 5.83 0.43
N TYR B 68 14.61 5.35 0.33
CA TYR B 68 15.75 6.20 0.68
C TYR B 68 16.54 6.72 -0.51
N ALA B 69 16.58 6.01 -1.63
CA ALA B 69 17.31 6.50 -2.78
C ALA B 69 16.71 5.91 -4.05
N MET B 70 16.88 6.63 -5.14
CA MET B 70 16.55 6.13 -6.47
C MET B 70 17.63 6.59 -7.43
N HIS B 71 17.63 5.99 -8.61
CA HIS B 71 18.53 6.41 -9.68
C HIS B 71 17.91 6.05 -11.01
N TRP B 72 17.99 6.98 -11.97
CA TRP B 72 17.45 6.73 -13.29
C TRP B 72 18.45 5.92 -14.12
N GLY B 73 17.92 5.08 -15.00
CA GLY B 73 18.77 4.47 -15.99
C GLY B 73 19.23 5.46 -17.03
N THR B 74 20.28 5.09 -17.76
CA THR B 74 20.81 5.99 -18.76
C THR B 74 20.00 6.01 -20.04
N ASP B 75 19.03 5.11 -20.19
CA ASP B 75 18.11 5.10 -21.32
C ASP B 75 16.82 5.83 -21.00
N SER B 76 16.73 6.47 -19.83
CA SER B 76 15.66 7.34 -19.39
C SER B 76 14.32 6.62 -19.26
N ARG B 77 14.34 5.31 -19.12
CA ARG B 77 13.10 4.55 -18.99
C ARG B 77 13.05 3.69 -17.73
N LEU B 78 14.15 3.01 -17.40
CA LEU B 78 14.20 2.15 -16.24
C LEU B 78 14.77 2.90 -15.06
N LEU B 79 14.33 2.55 -13.85
CA LEU B 79 14.89 3.18 -12.66
C LEU B 79 14.92 2.19 -11.51
N VAL B 80 15.96 2.27 -10.70
CA VAL B 80 16.11 1.43 -9.52
C VAL B 80 15.73 2.26 -8.29
N SER B 81 15.14 1.63 -7.29
CA SER B 81 14.78 2.33 -6.06
C SER B 81 14.99 1.43 -4.87
N ALA B 82 15.57 1.97 -3.81
CA ALA B 82 15.94 1.22 -2.62
C ALA B 82 15.10 1.66 -1.44
N SER B 83 14.62 0.70 -0.66
CA SER B 83 13.78 1.06 0.48
C SER B 83 14.22 0.31 1.73
N GLN B 84 13.83 0.87 2.88
CA GLN B 84 14.28 0.42 4.20
C GLN B 84 13.67 -0.90 4.65
N ASP B 85 12.77 -1.51 3.87
CA ASP B 85 12.37 -2.88 4.17
C ASP B 85 13.35 -3.91 3.65
N GLY B 86 14.40 -3.47 2.95
CA GLY B 86 15.45 -4.34 2.47
C GLY B 86 15.21 -4.85 1.07
N LYS B 87 14.82 -3.97 0.16
CA LYS B 87 14.61 -4.34 -1.24
C LYS B 87 15.02 -3.23 -2.18
N LEU B 88 15.64 -3.63 -3.28
CA LEU B 88 15.67 -2.81 -4.49
C LEU B 88 14.55 -3.27 -5.41
N ILE B 89 13.90 -2.33 -6.06
CA ILE B 89 12.94 -2.63 -7.11
C ILE B 89 13.34 -1.87 -8.34
N ILE B 90 13.45 -2.57 -9.47
CA ILE B 90 13.78 -1.97 -10.75
C ILE B 90 12.50 -1.90 -11.56
N TRP B 91 12.08 -0.67 -11.86
CA TRP B 91 10.83 -0.36 -12.52
C TRP B 91 11.06 0.02 -13.97
N ASP B 92 10.09 -0.36 -14.81
CA ASP B 92 9.91 0.19 -16.15
C ASP B 92 8.93 1.33 -16.01
N SER B 93 9.43 2.57 -16.02
CA SER B 93 8.62 3.71 -15.63
C SER B 93 7.59 4.13 -16.67
N TYR B 94 7.67 3.63 -17.91
CA TYR B 94 6.67 3.98 -18.90
C TYR B 94 5.37 3.25 -18.65
N THR B 95 5.45 1.97 -18.28
CA THR B 95 4.29 1.12 -18.07
C THR B 95 4.07 0.76 -16.61
N THR B 96 4.87 1.32 -15.69
CA THR B 96 4.86 1.03 -14.25
C THR B 96 5.01 -0.46 -13.94
N ASN B 97 5.72 -1.19 -14.79
CA ASN B 97 5.99 -2.60 -14.57
C ASN B 97 7.18 -2.76 -13.64
N LYS B 98 7.12 -3.75 -12.76
CA LYS B 98 8.25 -4.10 -11.92
C LYS B 98 9.13 -5.08 -12.68
N VAL B 99 10.28 -4.60 -13.17
CA VAL B 99 11.16 -5.47 -13.93
C VAL B 99 11.89 -6.42 -13.00
N HIS B 100 12.41 -5.91 -11.87
CA HIS B 100 13.15 -6.77 -10.95
C HIS B 100 12.78 -6.42 -9.52
N ALA B 101 12.91 -7.41 -8.64
CA ALA B 101 12.78 -7.20 -7.19
C ALA B 101 13.90 -7.97 -6.51
N ILE B 102 14.87 -7.24 -5.97
CA ILE B 102 16.10 -7.82 -5.42
C ILE B 102 16.03 -7.70 -3.90
N PRO B 103 16.08 -8.80 -3.16
CA PRO B 103 16.14 -8.69 -1.69
C PRO B 103 17.55 -8.49 -1.20
N LEU B 104 17.70 -7.61 -0.22
CA LEU B 104 19.00 -7.24 0.31
C LEU B 104 19.33 -8.03 1.56
N ARG B 105 20.62 -8.10 1.87
CA ARG B 105 21.06 -8.84 3.04
C ARG B 105 20.86 -8.05 4.32
N SER B 106 21.01 -6.73 4.26
CA SER B 106 20.80 -5.85 5.39
C SER B 106 19.65 -4.91 5.06
N SER B 107 18.76 -4.71 6.03
CA SER B 107 17.55 -3.94 5.78
C SER B 107 17.80 -2.44 5.71
N TRP B 108 18.94 -1.95 6.17
CA TRP B 108 19.20 -0.52 6.29
C TRP B 108 20.06 -0.10 5.12
N VAL B 109 19.40 0.38 4.07
CA VAL B 109 20.05 0.81 2.85
C VAL B 109 19.81 2.30 2.67
N MET B 110 20.88 3.05 2.41
CA MET B 110 20.81 4.50 2.35
C MET B 110 21.18 5.07 0.99
N THR B 111 21.52 4.23 0.01
CA THR B 111 21.93 4.71 -1.30
C THR B 111 21.60 3.68 -2.36
N CYS B 112 21.79 4.07 -3.61
CA CYS B 112 21.36 3.30 -4.75
C CYS B 112 22.05 3.84 -5.98
N ALA B 113 22.38 2.97 -6.92
CA ALA B 113 23.06 3.39 -8.13
C ALA B 113 22.75 2.41 -9.25
N TYR B 114 22.46 2.94 -10.43
CA TYR B 114 22.23 2.15 -11.63
C TYR B 114 23.42 2.39 -12.55
N ALA B 115 23.97 1.32 -13.12
CA ALA B 115 25.16 1.45 -13.93
C ALA B 115 24.83 2.14 -15.25
N PRO B 116 25.77 2.93 -15.80
CA PRO B 116 25.52 3.59 -17.09
C PRO B 116 25.53 2.67 -18.29
N SER B 117 25.84 1.38 -18.12
CA SER B 117 25.64 0.39 -19.16
C SER B 117 24.40 -0.45 -18.95
N GLY B 118 23.81 -0.39 -17.77
CA GLY B 118 22.61 -1.12 -17.46
C GLY B 118 22.82 -2.49 -16.87
N ASN B 119 24.05 -2.99 -16.86
CA ASN B 119 24.30 -4.37 -16.44
C ASN B 119 24.27 -4.54 -14.94
N TYR B 120 24.74 -3.56 -14.17
CA TYR B 120 24.93 -3.74 -12.74
C TYR B 120 24.10 -2.74 -11.96
N VAL B 121 23.92 -3.03 -10.67
CA VAL B 121 23.26 -2.15 -9.72
C VAL B 121 24.07 -2.22 -8.43
N ALA B 122 24.24 -1.08 -7.76
CA ALA B 122 24.95 -1.07 -6.50
C ALA B 122 24.04 -0.49 -5.42
N CYS B 123 24.28 -0.91 -4.17
CA CYS B 123 23.56 -0.35 -3.04
C CYS B 123 24.45 -0.47 -1.81
N GLY B 124 24.09 0.25 -0.75
CA GLY B 124 24.85 0.20 0.48
C GLY B 124 24.10 0.93 1.58
N GLY B 125 24.62 0.85 2.79
CA GLY B 125 23.89 1.44 3.89
C GLY B 125 24.62 1.39 5.22
N LEU B 126 23.91 0.97 6.27
CA LEU B 126 24.48 0.95 7.61
C LEU B 126 25.35 -0.27 7.87
N ASP B 127 25.52 -1.17 6.89
CA ASP B 127 26.40 -2.31 7.04
C ASP B 127 27.81 -2.05 6.55
N ASN B 128 28.13 -0.80 6.18
CA ASN B 128 29.44 -0.33 5.72
C ASN B 128 29.92 -1.04 4.47
N ILE B 129 29.04 -1.66 3.69
CA ILE B 129 29.42 -2.52 2.57
C ILE B 129 28.67 -2.01 1.34
N CYS B 130 29.41 -1.85 0.24
CA CYS B 130 28.80 -1.56 -1.05
C CYS B 130 28.59 -2.88 -1.78
N SER B 131 27.34 -3.32 -1.88
CA SER B 131 27.03 -4.56 -2.58
C SER B 131 26.70 -4.24 -4.04
N ILE B 132 27.21 -5.08 -4.93
CA ILE B 132 27.07 -4.89 -6.37
C ILE B 132 26.46 -6.14 -6.97
N TYR B 133 25.34 -5.96 -7.68
CA TYR B 133 24.47 -7.00 -8.19
C TYR B 133 24.50 -7.01 -9.71
N ASN B 134 24.61 -8.21 -10.28
CA ASN B 134 24.70 -8.43 -11.71
C ASN B 134 23.31 -8.76 -12.24
N LEU B 135 22.75 -7.89 -13.07
CA LEU B 135 21.37 -8.07 -13.51
C LEU B 135 21.27 -9.04 -14.68
N LYS B 136 22.22 -9.01 -15.60
CA LYS B 136 22.15 -9.81 -16.82
C LYS B 136 23.02 -11.05 -16.65
N THR B 137 22.49 -12.01 -15.89
CA THR B 137 23.15 -13.29 -15.69
C THR B 137 22.62 -14.32 -16.69
N ARG B 138 23.30 -15.46 -16.77
CA ARG B 138 22.90 -16.57 -17.61
C ARG B 138 21.89 -17.48 -16.88
N GLU B 139 21.59 -17.20 -15.62
CA GLU B 139 20.69 -18.04 -14.84
C GLU B 139 19.34 -17.41 -14.60
N GLY B 140 19.13 -16.16 -14.99
CA GLY B 140 17.83 -15.55 -14.92
C GLY B 140 17.51 -14.83 -13.62
N ASN B 141 18.30 -15.04 -12.58
CA ASN B 141 18.10 -14.33 -11.32
C ASN B 141 19.14 -13.24 -11.15
N VAL B 142 18.87 -12.33 -10.21
CA VAL B 142 19.79 -11.24 -9.90
C VAL B 142 20.68 -11.73 -8.77
N ARG B 143 21.93 -12.04 -9.11
CA ARG B 143 22.89 -12.59 -8.17
C ARG B 143 23.85 -11.50 -7.73
N VAL B 144 24.29 -11.57 -6.47
CA VAL B 144 25.23 -10.60 -5.93
C VAL B 144 26.57 -10.81 -6.60
N SER B 145 27.04 -9.83 -7.36
CA SER B 145 28.34 -9.96 -8.01
C SER B 145 29.45 -9.91 -6.97
N ARG B 146 29.55 -8.80 -6.22
CA ARG B 146 30.55 -8.75 -5.17
C ARG B 146 30.22 -7.67 -4.14
N GLU B 147 30.83 -7.80 -2.97
CA GLU B 147 30.63 -6.90 -1.84
C GLU B 147 31.95 -6.21 -1.51
N LEU B 148 32.01 -4.91 -1.74
CA LEU B 148 33.18 -4.10 -1.42
C LEU B 148 33.08 -3.65 0.04
N ALA B 149 34.07 -4.03 0.85
CA ALA B 149 34.06 -3.77 2.28
C ALA B 149 35.42 -3.26 2.74
N GLY B 150 35.57 -1.94 2.81
CA GLY B 150 36.75 -1.34 3.39
C GLY B 150 36.48 -0.05 4.14
N HIS B 151 35.23 0.37 4.19
CA HIS B 151 34.86 1.58 4.92
C HIS B 151 34.60 1.23 6.37
N THR B 152 34.89 2.19 7.25
CA THR B 152 34.68 1.98 8.68
C THR B 152 33.46 2.71 9.22
N GLY B 153 32.76 3.48 8.38
CA GLY B 153 31.46 4.03 8.72
C GLY B 153 30.42 3.58 7.70
N TYR B 154 29.19 4.01 7.94
CA TYR B 154 28.12 3.78 6.97
C TYR B 154 28.42 4.54 5.69
N LEU B 155 27.99 3.99 4.55
CA LEU B 155 28.23 4.65 3.28
C LEU B 155 26.96 5.31 2.78
N SER B 156 27.12 6.50 2.22
CA SER B 156 26.03 7.41 1.96
C SER B 156 25.64 7.52 0.49
N CYS B 157 26.58 7.34 -0.43
CA CYS B 157 26.28 7.54 -1.84
C CYS B 157 27.18 6.65 -2.67
N CYS B 158 26.63 6.10 -3.75
CA CYS B 158 27.38 5.32 -4.72
C CYS B 158 27.17 5.93 -6.10
N ARG B 159 28.22 5.95 -6.90
CA ARG B 159 28.09 6.41 -8.29
C ARG B 159 29.05 5.61 -9.15
N PHE B 160 28.53 4.91 -10.15
CA PHE B 160 29.36 4.12 -11.05
C PHE B 160 30.14 5.05 -11.98
N LEU B 161 31.37 4.67 -12.30
CA LEU B 161 32.11 5.33 -13.38
C LEU B 161 32.05 4.50 -14.65
N ASP B 162 32.27 3.20 -14.52
CA ASP B 162 32.31 2.24 -15.60
C ASP B 162 31.55 1.01 -15.11
N ASP B 163 31.75 -0.11 -15.78
CA ASP B 163 31.31 -1.37 -15.19
C ASP B 163 32.30 -1.89 -14.16
N ASN B 164 33.50 -1.30 -14.07
CA ASN B 164 34.57 -1.85 -13.26
C ASN B 164 35.09 -0.93 -12.16
N GLN B 165 34.61 0.30 -12.04
CA GLN B 165 35.05 1.14 -10.95
C GLN B 165 33.92 2.02 -10.47
N ILE B 166 33.95 2.35 -9.17
CA ILE B 166 32.80 3.00 -8.52
C ILE B 166 33.33 3.92 -7.41
N VAL B 167 32.76 5.12 -7.30
CA VAL B 167 33.14 6.08 -6.26
C VAL B 167 32.13 5.99 -5.12
N THR B 168 32.63 5.87 -3.90
CA THR B 168 31.79 5.64 -2.72
C THR B 168 32.06 6.71 -1.67
N SER B 169 31.00 7.37 -1.22
CA SER B 169 31.04 8.28 -0.09
C SER B 169 30.68 7.52 1.17
N SER B 170 31.34 7.83 2.29
CA SER B 170 30.98 7.16 3.52
C SER B 170 30.95 8.13 4.69
N GLY B 171 30.42 7.64 5.79
CA GLY B 171 30.27 8.43 6.99
C GLY B 171 31.41 8.29 7.98
N ASP B 172 32.57 7.83 7.52
CA ASP B 172 33.80 7.95 8.28
C ASP B 172 34.69 9.04 7.70
N THR B 173 34.05 10.11 7.20
CA THR B 173 34.68 11.33 6.68
C THR B 173 35.61 11.03 5.50
N THR B 174 35.21 10.10 4.64
CA THR B 174 36.09 9.72 3.54
C THR B 174 35.30 9.19 2.35
N CYS B 175 35.82 9.44 1.16
CA CYS B 175 35.37 8.86 -0.09
C CYS B 175 36.43 7.89 -0.61
N ALA B 176 36.04 7.08 -1.59
CA ALA B 176 36.94 6.06 -2.09
C ALA B 176 36.62 5.76 -3.54
N LEU B 177 37.58 5.15 -4.23
CA LEU B 177 37.43 4.72 -5.61
C LEU B 177 37.76 3.23 -5.68
N TRP B 178 36.75 2.42 -5.91
CA TRP B 178 36.90 0.97 -5.88
C TRP B 178 37.04 0.42 -7.29
N ASP B 179 37.87 -0.61 -7.42
CA ASP B 179 38.00 -1.41 -8.63
C ASP B 179 37.31 -2.74 -8.38
N ILE B 180 36.21 -2.98 -9.10
CA ILE B 180 35.34 -4.11 -8.80
C ILE B 180 35.90 -5.45 -9.25
N GLU B 181 36.78 -5.48 -10.25
CA GLU B 181 37.36 -6.75 -10.69
C GLU B 181 38.31 -7.31 -9.64
N THR B 182 38.89 -6.46 -8.81
CA THR B 182 39.76 -6.87 -7.70
C THR B 182 39.04 -6.85 -6.37
N GLY B 183 38.42 -5.74 -6.01
CA GLY B 183 37.74 -5.59 -4.74
C GLY B 183 38.40 -4.63 -3.79
N GLN B 184 39.66 -4.26 -4.04
CA GLN B 184 40.40 -3.37 -3.17
C GLN B 184 40.27 -1.94 -3.67
N GLN B 185 40.16 -1.01 -2.74
CA GLN B 185 39.98 0.39 -3.11
C GLN B 185 41.29 0.98 -3.61
N THR B 186 41.25 1.59 -4.80
CA THR B 186 42.46 2.08 -5.44
C THR B 186 42.93 3.39 -4.81
N THR B 187 42.00 4.30 -4.55
CA THR B 187 42.31 5.64 -4.09
C THR B 187 41.36 5.98 -2.95
N THR B 188 41.88 6.62 -1.89
CA THR B 188 41.06 7.09 -0.78
C THR B 188 41.18 8.60 -0.71
N PHE B 189 40.04 9.29 -0.69
CA PHE B 189 39.99 10.75 -0.71
C PHE B 189 39.71 11.25 0.69
N THR B 190 40.77 11.50 1.45
CA THR B 190 40.66 12.02 2.80
C THR B 190 40.77 13.54 2.80
N GLY B 191 40.22 14.16 3.84
CA GLY B 191 40.24 15.61 3.92
C GLY B 191 39.02 16.24 4.55
N HIS B 192 37.92 15.50 4.66
CA HIS B 192 36.74 16.03 5.32
C HIS B 192 36.87 15.90 6.83
N THR B 193 35.95 16.53 7.54
CA THR B 193 35.90 16.43 9.00
C THR B 193 34.56 15.96 9.54
N GLY B 194 33.51 15.94 8.73
CA GLY B 194 32.26 15.36 9.15
C GLY B 194 31.84 14.24 8.21
N ASP B 195 30.68 13.65 8.45
CA ASP B 195 30.19 12.57 7.60
C ASP B 195 29.88 13.08 6.20
N VAL B 196 30.50 12.45 5.20
CA VAL B 196 30.27 12.82 3.81
C VAL B 196 28.90 12.27 3.40
N MET B 197 28.00 13.15 2.99
CA MET B 197 26.61 12.78 2.83
C MET B 197 26.21 12.50 1.38
N SER B 198 26.91 13.07 0.41
CA SER B 198 26.51 12.95 -0.98
C SER B 198 27.67 13.30 -1.89
N LEU B 199 27.63 12.77 -3.12
CA LEU B 199 28.60 13.12 -4.13
C LEU B 199 27.91 13.21 -5.48
N SER B 200 28.59 13.83 -6.43
CA SER B 200 28.06 14.03 -7.77
C SER B 200 29.21 14.06 -8.77
N LEU B 201 29.15 13.19 -9.77
CA LEU B 201 30.21 13.11 -10.78
C LEU B 201 30.01 14.14 -11.88
N ALA B 202 31.13 14.56 -12.47
CA ALA B 202 31.09 15.48 -13.60
C ALA B 202 30.55 14.76 -14.84
N PRO B 203 30.11 15.51 -15.85
CA PRO B 203 29.72 14.88 -17.11
C PRO B 203 30.84 14.13 -17.83
N ASP B 204 32.11 14.48 -17.61
CA ASP B 204 33.20 13.71 -18.18
C ASP B 204 33.84 12.76 -17.18
N THR B 205 33.38 12.75 -15.93
CA THR B 205 33.72 11.78 -14.88
C THR B 205 35.23 11.67 -14.62
N ARG B 206 35.91 12.80 -14.67
CA ARG B 206 37.32 12.82 -14.28
C ARG B 206 37.58 13.60 -13.01
N LEU B 207 36.56 14.26 -12.46
CA LEU B 207 36.64 14.89 -11.16
C LEU B 207 35.23 14.99 -10.58
N PHE B 208 35.09 14.76 -9.29
CA PHE B 208 33.78 14.82 -8.66
C PHE B 208 33.81 15.78 -7.49
N VAL B 209 32.66 15.92 -6.84
CA VAL B 209 32.50 16.90 -5.76
C VAL B 209 31.73 16.20 -4.64
N SER B 210 31.96 16.64 -3.40
CA SER B 210 31.36 15.98 -2.26
C SER B 210 30.95 17.01 -1.23
N GLY B 211 29.85 16.75 -0.54
CA GLY B 211 29.37 17.60 0.54
C GLY B 211 29.27 16.81 1.82
N ALA B 212 29.80 17.38 2.90
CA ALA B 212 29.88 16.68 4.17
C ALA B 212 29.14 17.46 5.25
N CYS B 213 29.14 16.91 6.47
CA CYS B 213 28.42 17.47 7.60
C CYS B 213 29.16 18.58 8.32
N ASP B 214 30.24 19.10 7.74
CA ASP B 214 30.97 20.22 8.32
C ASP B 214 30.75 21.50 7.51
N ALA B 215 29.63 21.55 6.77
CA ALA B 215 29.21 22.70 5.96
C ALA B 215 30.25 23.06 4.90
N SER B 216 30.86 22.05 4.29
CA SER B 216 31.95 22.27 3.36
C SER B 216 31.82 21.30 2.20
N ALA B 217 32.13 21.77 1.00
CA ALA B 217 32.07 20.95 -0.20
C ALA B 217 33.45 20.93 -0.83
N LYS B 218 33.96 19.76 -1.17
CA LYS B 218 35.29 19.66 -1.72
C LYS B 218 35.26 19.06 -3.12
N LEU B 219 36.18 19.52 -3.97
CA LEU B 219 36.25 19.11 -5.36
C LEU B 219 37.45 18.18 -5.54
N TRP B 220 37.19 16.89 -5.63
CA TRP B 220 38.25 15.90 -5.74
C TRP B 220 38.53 15.58 -7.21
N ASP B 221 39.80 15.32 -7.50
CA ASP B 221 40.25 14.84 -8.80
C ASP B 221 40.37 13.32 -8.74
N VAL B 222 39.72 12.63 -9.67
CA VAL B 222 39.60 11.18 -9.58
C VAL B 222 40.91 10.50 -9.96
N ARG B 223 41.63 11.03 -10.95
CA ARG B 223 42.82 10.36 -11.47
C ARG B 223 43.98 10.45 -10.49
N GLU B 224 44.33 11.65 -10.05
CA GLU B 224 45.44 11.81 -9.13
C GLU B 224 45.04 11.49 -7.70
N GLY B 225 44.12 12.27 -7.13
CA GLY B 225 43.60 11.95 -5.82
C GLY B 225 43.58 13.06 -4.80
N MET B 226 43.93 14.29 -5.19
CA MET B 226 43.96 15.39 -4.25
C MET B 226 42.69 16.21 -4.32
N CYS B 227 42.38 16.89 -3.22
CA CYS B 227 41.27 17.84 -3.20
C CYS B 227 41.71 19.10 -3.92
N ARG B 228 40.95 19.50 -4.94
CA ARG B 228 41.37 20.64 -5.75
C ARG B 228 40.92 21.96 -5.14
N GLN B 229 39.66 22.03 -4.70
CA GLN B 229 39.09 23.26 -4.17
C GLN B 229 38.15 22.94 -3.02
N THR B 230 37.89 23.95 -2.20
CA THR B 230 37.01 23.84 -1.04
C THR B 230 36.02 25.00 -1.07
N PHE B 231 34.76 24.73 -0.75
CA PHE B 231 33.67 25.69 -0.87
C PHE B 231 32.92 25.72 0.46
N THR B 232 32.97 26.88 1.13
CA THR B 232 32.46 27.05 2.48
C THR B 232 31.50 28.22 2.50
N GLY B 233 30.21 27.95 2.35
CA GLY B 233 29.23 29.01 2.41
C GLY B 233 28.06 28.74 3.34
N HIS B 234 27.85 27.48 3.68
CA HIS B 234 26.64 27.07 4.37
C HIS B 234 26.78 27.24 5.87
N GLU B 235 25.73 26.83 6.58
CA GLU B 235 25.71 26.92 8.03
C GLU B 235 25.24 25.63 8.69
N SER B 236 25.06 24.56 7.93
CA SER B 236 24.65 23.27 8.47
C SER B 236 25.13 22.17 7.54
N ASP B 237 24.62 20.97 7.75
CA ASP B 237 25.10 19.78 7.06
C ASP B 237 24.64 19.79 5.60
N ILE B 238 25.58 19.85 4.67
CA ILE B 238 25.24 19.70 3.26
C ILE B 238 24.87 18.24 3.01
N ASN B 239 23.64 18.00 2.58
CA ASN B 239 23.22 16.62 2.41
C ASN B 239 22.65 16.35 1.03
N ALA B 240 22.97 17.21 0.07
CA ALA B 240 22.62 17.00 -1.33
C ALA B 240 23.58 17.83 -2.18
N ILE B 241 24.02 17.27 -3.31
CA ILE B 241 24.90 17.97 -4.22
C ILE B 241 24.62 17.46 -5.63
N CYS B 242 24.85 18.32 -6.62
CA CYS B 242 24.54 18.02 -8.01
C CYS B 242 25.26 19.01 -8.91
N PHE B 243 25.90 18.51 -9.96
CA PHE B 243 26.58 19.34 -10.95
C PHE B 243 25.63 20.07 -11.89
N PHE B 244 26.03 21.28 -12.26
CA PHE B 244 25.49 21.98 -13.41
C PHE B 244 25.84 21.16 -14.66
N PRO B 245 24.95 21.15 -15.67
CA PRO B 245 25.11 20.21 -16.80
C PRO B 245 26.34 20.44 -17.68
N ASN B 246 27.04 21.57 -17.62
CA ASN B 246 28.31 21.65 -18.33
C ASN B 246 29.50 21.35 -17.45
N GLY B 247 29.29 21.04 -16.18
CA GLY B 247 30.36 20.66 -15.28
C GLY B 247 31.23 21.79 -14.78
N ASN B 248 30.70 23.01 -14.71
CA ASN B 248 31.48 24.16 -14.25
C ASN B 248 30.83 24.87 -13.08
N ALA B 249 29.83 24.26 -12.45
CA ALA B 249 29.16 24.79 -11.28
C ALA B 249 28.44 23.65 -10.61
N PHE B 250 27.98 23.88 -9.39
CA PHE B 250 27.16 22.88 -8.71
C PHE B 250 26.27 23.57 -7.68
N ALA B 251 25.26 22.84 -7.21
CA ALA B 251 24.32 23.36 -6.24
C ALA B 251 24.28 22.45 -5.03
N THR B 252 24.36 23.04 -3.85
CA THR B 252 24.31 22.31 -2.59
C THR B 252 23.04 22.65 -1.83
N GLY B 253 22.50 21.66 -1.13
CA GLY B 253 21.38 21.85 -0.25
C GLY B 253 21.66 21.35 1.15
N SER B 254 21.31 22.13 2.16
CA SER B 254 21.67 21.80 3.54
C SER B 254 20.44 21.87 4.45
N ASP B 255 20.71 21.75 5.75
CA ASP B 255 19.69 21.78 6.78
C ASP B 255 19.29 23.19 7.19
N ASP B 256 19.94 24.22 6.65
CA ASP B 256 19.60 25.59 6.97
C ASP B 256 18.63 26.20 5.96
N ALA B 257 17.86 25.36 5.27
CA ALA B 257 16.77 25.75 4.36
C ALA B 257 17.26 26.61 3.18
N THR B 258 18.52 26.49 2.81
CA THR B 258 19.09 27.23 1.69
C THR B 258 19.74 26.26 0.72
N CYS B 259 19.51 26.47 -0.58
CA CYS B 259 20.39 25.93 -1.59
C CYS B 259 21.34 27.04 -1.99
N ARG B 260 22.49 26.68 -2.56
CA ARG B 260 23.30 27.70 -3.20
C ARG B 260 24.16 27.10 -4.30
N LEU B 261 24.56 27.96 -5.23
CA LEU B 261 25.24 27.58 -6.47
C LEU B 261 26.69 28.04 -6.41
N PHE B 262 27.60 27.09 -6.22
CA PHE B 262 29.02 27.38 -6.25
C PHE B 262 29.57 27.21 -7.66
N ASP B 263 30.72 27.84 -7.89
CA ASP B 263 31.27 28.02 -9.23
C ASP B 263 32.71 27.54 -9.21
N LEU B 264 33.08 26.70 -10.17
CA LEU B 264 34.39 26.06 -10.15
C LEU B 264 35.48 27.00 -10.63
N ARG B 265 35.18 27.87 -11.58
CA ARG B 265 36.23 28.71 -12.15
C ARG B 265 36.43 30.01 -11.38
N ALA B 266 35.35 30.62 -10.91
CA ALA B 266 35.44 31.82 -10.11
C ALA B 266 35.69 31.53 -8.64
N ASP B 267 35.60 30.26 -8.23
CA ASP B 267 35.99 29.68 -6.95
C ASP B 267 35.11 30.18 -5.80
N GLN B 268 33.90 30.62 -6.04
CA GLN B 268 33.07 31.16 -4.98
C GLN B 268 31.60 30.91 -5.26
N GLU B 269 30.77 31.26 -4.29
CA GLU B 269 29.33 31.09 -4.40
C GLU B 269 28.76 32.16 -5.31
N LEU B 270 27.76 31.78 -6.11
CA LEU B 270 27.08 32.71 -7.01
C LEU B 270 25.73 33.17 -6.48
N MET B 271 24.90 32.26 -6.00
CA MET B 271 23.52 32.61 -5.71
C MET B 271 22.96 31.69 -4.65
N THR B 272 22.15 32.24 -3.75
CA THR B 272 21.45 31.50 -2.71
C THR B 272 19.97 31.42 -3.06
N TYR B 273 19.39 30.24 -2.87
CA TYR B 273 17.99 29.97 -3.13
C TYR B 273 17.33 29.68 -1.79
N SER B 274 16.63 30.68 -1.25
CA SER B 274 16.03 30.60 0.08
C SER B 274 14.81 31.48 0.13
N HIS B 275 13.83 31.09 0.95
CA HIS B 275 12.64 31.89 1.18
C HIS B 275 12.31 31.86 2.66
N ASP B 276 11.77 32.98 3.16
CA ASP B 276 11.51 33.14 4.59
C ASP B 276 10.38 32.27 5.09
N ASN B 277 9.51 31.78 4.21
CA ASN B 277 8.49 30.82 4.61
C ASN B 277 9.00 29.39 4.58
N ILE B 278 10.28 29.18 4.30
CA ILE B 278 10.90 27.86 4.27
C ILE B 278 11.92 27.79 5.41
N ILE B 279 11.70 26.88 6.36
CA ILE B 279 12.60 26.72 7.50
C ILE B 279 13.14 25.31 7.63
N CYS B 280 12.73 24.38 6.76
CA CYS B 280 13.14 23.00 6.85
C CYS B 280 14.28 22.71 5.85
N GLY B 281 15.03 21.66 6.15
CA GLY B 281 16.20 21.36 5.35
C GLY B 281 15.89 20.71 4.02
N ILE B 282 16.86 20.82 3.12
CA ILE B 282 16.78 20.23 1.79
C ILE B 282 17.31 18.80 1.87
N THR B 283 16.61 17.86 1.24
CA THR B 283 17.08 16.49 1.22
C THR B 283 17.66 16.06 -0.13
N SER B 284 17.35 16.78 -1.20
CA SER B 284 17.69 16.35 -2.55
C SER B 284 17.76 17.55 -3.47
N VAL B 285 18.66 17.50 -4.44
CA VAL B 285 18.92 18.61 -5.35
C VAL B 285 19.26 18.04 -6.72
N SER B 286 18.61 18.58 -7.76
CA SER B 286 18.98 18.24 -9.13
C SER B 286 18.71 19.42 -10.05
N PHE B 287 19.30 19.38 -11.23
CA PHE B 287 19.09 20.39 -12.26
C PHE B 287 18.24 19.82 -13.38
N SER B 288 17.75 20.70 -14.25
CA SER B 288 17.06 20.26 -15.45
C SER B 288 18.09 20.03 -16.56
N LYS B 289 17.61 19.69 -17.75
CA LYS B 289 18.52 19.31 -18.84
C LYS B 289 19.25 20.52 -19.39
N SER B 290 18.59 21.69 -19.43
CA SER B 290 19.26 22.89 -19.91
C SER B 290 20.05 23.58 -18.81
N GLY B 291 19.64 23.42 -17.56
CA GLY B 291 20.30 24.05 -16.44
C GLY B 291 19.61 25.28 -15.90
N ARG B 292 18.28 25.31 -15.86
CA ARG B 292 17.56 26.47 -15.36
C ARG B 292 16.60 26.15 -14.22
N LEU B 293 16.10 24.94 -14.13
CA LEU B 293 15.16 24.57 -13.08
C LEU B 293 15.92 23.74 -12.06
N LEU B 294 16.39 24.40 -11.00
CA LEU B 294 16.99 23.68 -9.88
C LEU B 294 15.86 23.14 -9.03
N LEU B 295 15.63 21.84 -9.12
CA LEU B 295 14.60 21.21 -8.29
C LEU B 295 15.21 20.77 -6.97
N ALA B 296 14.47 21.01 -5.89
CA ALA B 296 14.98 20.73 -4.56
C ALA B 296 13.88 20.14 -3.70
N GLY B 297 14.17 18.99 -3.08
CA GLY B 297 13.21 18.35 -2.20
C GLY B 297 13.44 18.77 -0.76
N TYR B 298 12.36 19.04 -0.06
CA TYR B 298 12.39 19.62 1.28
C TYR B 298 11.78 18.66 2.29
N ASP B 299 11.94 19.00 3.58
CA ASP B 299 11.32 18.23 4.64
C ASP B 299 9.85 18.60 4.88
N ASP B 300 9.35 19.67 4.25
CA ASP B 300 7.94 20.04 4.37
C ASP B 300 7.05 19.32 3.37
N PHE B 301 7.50 18.16 2.89
CA PHE B 301 6.78 17.13 2.12
C PHE B 301 6.58 17.52 0.67
N ASN B 302 7.26 18.54 0.14
CA ASN B 302 7.10 18.88 -1.26
C ASN B 302 8.41 19.41 -1.82
N CYS B 303 8.44 19.51 -3.15
CA CYS B 303 9.61 19.95 -3.90
C CYS B 303 9.38 21.36 -4.45
N ASN B 304 10.46 22.08 -4.65
CA ASN B 304 10.40 23.46 -5.15
C ASN B 304 11.27 23.56 -6.40
N VAL B 305 10.80 24.35 -7.36
CA VAL B 305 11.51 24.55 -8.63
C VAL B 305 12.04 25.98 -8.61
N TRP B 306 13.34 26.13 -8.38
CA TRP B 306 13.97 27.44 -8.34
C TRP B 306 14.55 27.79 -9.70
N ASP B 307 14.28 29.02 -10.12
CA ASP B 307 14.98 29.61 -11.27
C ASP B 307 16.46 29.72 -10.96
N ALA B 308 17.29 29.02 -11.73
CA ALA B 308 18.71 28.99 -11.47
C ALA B 308 19.46 30.19 -12.02
N LEU B 309 18.75 31.23 -12.46
CA LEU B 309 19.38 32.47 -12.89
C LEU B 309 18.83 33.70 -12.20
N LYS B 310 17.64 33.62 -11.58
CA LYS B 310 17.01 34.76 -10.94
C LYS B 310 16.86 34.60 -9.44
N ALA B 311 17.10 33.39 -8.90
CA ALA B 311 16.73 32.91 -7.56
C ALA B 311 15.24 32.97 -7.29
N ASP B 312 14.41 33.08 -8.32
CA ASP B 312 12.98 33.10 -8.14
C ASP B 312 12.45 31.68 -7.96
N ARG B 313 11.34 31.56 -7.23
CA ARG B 313 10.67 30.28 -7.21
C ARG B 313 9.67 30.21 -8.35
N ALA B 314 9.51 29.01 -8.92
CA ALA B 314 8.73 28.88 -10.13
C ALA B 314 7.72 27.74 -10.11
N GLY B 315 7.57 27.03 -9.00
CA GLY B 315 6.60 25.97 -8.94
C GLY B 315 6.80 25.13 -7.70
N VAL B 316 5.75 24.40 -7.36
CA VAL B 316 5.75 23.46 -6.24
C VAL B 316 5.26 22.12 -6.76
N LEU B 317 5.90 21.03 -6.34
CA LEU B 317 5.43 19.68 -6.65
C LEU B 317 4.98 19.02 -5.35
N ALA B 318 3.73 19.27 -4.99
CA ALA B 318 3.15 18.71 -3.78
C ALA B 318 2.35 17.46 -4.12
N GLY B 319 2.20 16.60 -3.12
CA GLY B 319 1.51 15.35 -3.34
C GLY B 319 2.12 14.16 -2.62
N HIS B 320 3.19 14.39 -1.87
CA HIS B 320 3.76 13.36 -1.02
C HIS B 320 3.31 13.57 0.42
N ASP B 321 2.83 12.51 1.05
CA ASP B 321 2.34 12.60 2.41
C ASP B 321 3.45 12.72 3.43
N ASN B 322 4.65 12.30 3.08
CA ASN B 322 5.77 12.33 4.01
C ASN B 322 6.99 12.99 3.37
N ARG B 323 8.13 12.91 4.05
CA ARG B 323 9.32 13.67 3.69
C ARG B 323 9.91 13.17 2.39
N VAL B 324 10.14 14.08 1.44
CA VAL B 324 10.73 13.72 0.15
C VAL B 324 12.21 13.43 0.36
N SER B 325 12.60 12.18 0.07
CA SER B 325 13.95 11.73 0.37
C SER B 325 14.85 11.65 -0.85
N CYS B 326 14.32 11.40 -2.04
CA CYS B 326 15.16 11.27 -3.23
C CYS B 326 14.50 11.92 -4.43
N LEU B 327 15.33 12.44 -5.33
CA LEU B 327 14.85 13.20 -6.47
C LEU B 327 15.81 13.03 -7.63
N GLY B 328 15.29 12.90 -8.85
CA GLY B 328 16.14 12.76 -10.01
C GLY B 328 15.52 13.09 -11.35
N VAL B 329 16.31 13.64 -12.25
CA VAL B 329 15.86 14.03 -13.59
C VAL B 329 16.52 13.11 -14.61
N THR B 330 15.76 12.72 -15.63
CA THR B 330 16.25 11.80 -16.65
C THR B 330 17.30 12.47 -17.54
N ASP B 331 17.99 11.65 -18.33
CA ASP B 331 19.04 12.17 -19.20
C ASP B 331 18.52 12.88 -20.43
N ASP B 332 17.30 12.57 -20.88
CA ASP B 332 16.70 13.35 -21.95
C ASP B 332 15.89 14.53 -21.43
N GLY B 333 15.77 14.65 -20.11
CA GLY B 333 15.12 15.81 -19.52
C GLY B 333 13.61 15.78 -19.54
N MET B 334 13.00 14.62 -19.78
CA MET B 334 11.56 14.55 -19.99
C MET B 334 10.78 14.19 -18.74
N ALA B 335 11.42 13.92 -17.61
CA ALA B 335 10.67 13.58 -16.41
C ALA B 335 11.49 13.91 -15.18
N VAL B 336 10.80 13.94 -14.04
CA VAL B 336 11.40 14.11 -12.73
C VAL B 336 10.75 13.09 -11.81
N ALA B 337 11.55 12.21 -11.23
CA ALA B 337 11.02 11.22 -10.29
C ALA B 337 11.38 11.66 -8.88
N THR B 338 10.38 11.69 -8.02
CA THR B 338 10.56 11.98 -6.60
C THR B 338 10.05 10.80 -5.79
N GLY B 339 10.87 10.32 -4.86
CA GLY B 339 10.49 9.26 -3.96
C GLY B 339 10.55 9.74 -2.52
N SER B 340 9.59 9.28 -1.73
CA SER B 340 9.46 9.83 -0.38
C SER B 340 9.27 8.72 0.64
N TRP B 341 9.13 9.14 1.90
CA TRP B 341 9.07 8.23 3.04
C TRP B 341 7.70 7.60 3.23
N ASP B 342 6.74 7.89 2.35
CA ASP B 342 5.46 7.19 2.35
C ASP B 342 5.44 6.06 1.33
N SER B 343 6.61 5.52 1.00
CA SER B 343 6.82 4.36 0.12
C SER B 343 6.33 4.58 -1.30
N PHE B 344 6.34 5.82 -1.79
CA PHE B 344 5.85 6.11 -3.13
C PHE B 344 6.89 6.86 -3.94
N LEU B 345 6.92 6.53 -5.23
CA LEU B 345 7.66 7.27 -6.25
C LEU B 345 6.66 7.88 -7.22
N LYS B 346 6.94 9.08 -7.69
CA LYS B 346 6.04 9.80 -8.57
C LYS B 346 6.81 10.48 -9.69
N ILE B 347 6.28 10.39 -10.90
CA ILE B 347 6.88 10.97 -12.10
C ILE B 347 6.16 12.28 -12.41
N TRP B 348 6.92 13.31 -12.78
CA TRP B 348 6.37 14.64 -13.00
C TRP B 348 7.00 15.25 -14.24
N ASN B 349 6.17 15.78 -15.12
CA ASN B 349 6.65 16.69 -16.18
C ASN B 349 5.51 17.58 -16.66
N ASN C 5 52.12 14.35 20.23
CA ASN C 5 51.78 15.65 19.67
C ASN C 5 52.35 15.81 18.25
N THR C 6 53.20 14.85 17.86
CA THR C 6 53.83 14.91 16.54
C THR C 6 52.82 14.61 15.43
N ALA C 7 51.79 13.80 15.75
CA ALA C 7 50.72 13.56 14.79
C ALA C 7 49.92 14.82 14.52
N SER C 8 49.74 15.67 15.55
CA SER C 8 49.11 16.97 15.34
C SER C 8 49.97 17.88 14.47
N ILE C 9 51.30 17.77 14.61
CA ILE C 9 52.22 18.53 13.77
C ILE C 9 52.13 18.08 12.32
N ALA C 10 52.07 16.76 12.08
CA ALA C 10 51.96 16.25 10.72
C ALA C 10 50.63 16.62 10.09
N GLN C 11 49.55 16.56 10.88
CA GLN C 11 48.23 16.94 10.38
C GLN C 11 48.17 18.43 10.06
N ALA C 12 48.72 19.28 10.93
CA ALA C 12 48.71 20.72 10.67
C ALA C 12 49.61 21.09 9.50
N ARG C 13 50.73 20.38 9.31
CA ARG C 13 51.61 20.73 8.20
C ARG C 13 51.05 20.25 6.86
N LYS C 14 50.38 19.09 6.84
CA LYS C 14 49.74 18.69 5.59
C LYS C 14 48.50 19.54 5.32
N LEU C 15 47.87 20.08 6.37
CA LEU C 15 46.79 21.03 6.18
C LEU C 15 47.29 22.35 5.59
N VAL C 16 48.44 22.84 6.05
CA VAL C 16 48.93 24.10 5.51
C VAL C 16 49.51 23.88 4.11
N GLU C 17 49.98 22.66 3.81
CA GLU C 17 50.38 22.35 2.44
C GLU C 17 49.18 22.27 1.51
N GLN C 18 48.06 21.73 2.01
CA GLN C 18 46.83 21.69 1.22
C GLN C 18 46.29 23.10 0.98
N LEU C 19 46.36 23.97 1.98
CA LEU C 19 45.92 25.35 1.79
C LEU C 19 46.85 26.11 0.84
N LYS C 20 48.15 25.78 0.84
CA LYS C 20 49.06 26.42 -0.09
C LYS C 20 48.79 25.96 -1.52
N MET C 21 48.48 24.68 -1.72
CA MET C 21 48.21 24.23 -3.09
C MET C 21 46.80 24.61 -3.54
N GLU C 22 45.90 24.94 -2.60
CA GLU C 22 44.61 25.51 -2.96
C GLU C 22 44.65 27.02 -3.18
N ALA C 23 45.67 27.70 -2.68
CA ALA C 23 45.74 29.15 -2.85
C ALA C 23 46.27 29.57 -4.21
N ASN C 24 46.97 28.69 -4.92
CA ASN C 24 47.66 29.04 -6.15
C ASN C 24 46.91 28.63 -7.42
N ILE C 25 45.58 28.59 -7.39
CA ILE C 25 44.82 28.33 -8.60
C ILE C 25 44.47 29.64 -9.28
N ASP C 26 44.45 29.63 -10.61
CA ASP C 26 44.09 30.83 -11.36
C ASP C 26 42.58 31.02 -11.34
N ARG C 27 42.13 32.20 -10.92
CA ARG C 27 40.71 32.49 -10.79
C ARG C 27 40.30 33.47 -11.87
N ILE C 28 39.27 33.10 -12.63
CA ILE C 28 38.68 34.01 -13.60
C ILE C 28 37.71 34.93 -12.88
N LYS C 29 37.25 35.97 -13.57
CA LYS C 29 36.28 36.90 -13.02
C LYS C 29 34.95 36.21 -12.78
N VAL C 30 34.13 36.79 -11.92
CA VAL C 30 32.83 36.19 -11.64
C VAL C 30 31.78 36.67 -12.64
N SER C 31 32.03 37.81 -13.30
CA SER C 31 31.09 38.29 -14.30
C SER C 31 31.16 37.48 -15.58
N LYS C 32 32.38 37.12 -16.00
CA LYS C 32 32.52 36.28 -17.18
C LYS C 32 32.03 34.86 -16.92
N ALA C 33 32.15 34.39 -15.68
CA ALA C 33 31.64 33.07 -15.35
C ALA C 33 30.13 33.05 -15.29
N ALA C 34 29.52 34.11 -14.76
CA ALA C 34 28.07 34.23 -14.82
C ALA C 34 27.57 34.39 -16.26
N ALA C 35 28.34 35.08 -17.11
CA ALA C 35 27.97 35.22 -18.51
C ALA C 35 28.06 33.89 -19.25
N ASP C 36 29.06 33.07 -18.93
CA ASP C 36 29.18 31.74 -19.52
C ASP C 36 28.06 30.81 -19.08
N LEU C 37 27.69 30.85 -17.80
CA LEU C 37 26.60 30.02 -17.31
C LEU C 37 25.27 30.46 -17.90
N MET C 38 25.09 31.78 -18.08
CA MET C 38 23.89 32.32 -18.72
C MET C 38 23.83 31.95 -20.19
N ALA C 39 24.98 31.98 -20.88
CA ALA C 39 25.02 31.66 -22.31
C ALA C 39 24.74 30.19 -22.57
N TYR C 40 25.29 29.30 -21.74
CA TYR C 40 24.92 27.89 -21.84
C TYR C 40 23.45 27.69 -21.53
N CYS C 41 22.93 28.40 -20.55
CA CYS C 41 21.54 28.15 -20.15
C CYS C 41 20.54 28.69 -21.16
N GLU C 42 20.93 29.69 -21.96
CA GLU C 42 20.06 30.21 -23.00
C GLU C 42 20.26 29.53 -24.36
N ALA C 43 21.42 28.93 -24.60
CA ALA C 43 21.63 28.24 -25.87
C ALA C 43 21.07 26.83 -25.89
N HIS C 44 20.48 26.36 -24.79
CA HIS C 44 19.91 25.03 -24.70
C HIS C 44 18.46 25.06 -24.25
N ALA C 45 17.79 26.20 -24.44
CA ALA C 45 16.44 26.36 -23.92
C ALA C 45 15.42 25.55 -24.72
N LYS C 46 15.65 25.36 -26.02
CA LYS C 46 14.71 24.64 -26.86
C LYS C 46 14.79 23.13 -26.66
N GLU C 47 15.81 22.64 -25.94
CA GLU C 47 16.03 21.22 -25.73
C GLU C 47 15.66 20.78 -24.32
N ASP C 48 14.79 21.53 -23.65
CA ASP C 48 14.40 21.23 -22.28
C ASP C 48 12.91 20.93 -22.23
N PRO C 49 12.51 19.70 -22.01
CA PRO C 49 11.07 19.37 -21.99
C PRO C 49 10.38 19.68 -20.67
N LEU C 50 11.08 20.31 -19.74
CA LEU C 50 10.47 20.78 -18.50
C LEU C 50 10.32 22.30 -18.49
N LEU C 51 11.29 23.02 -19.06
CA LEU C 51 11.22 24.47 -19.12
C LEU C 51 10.17 24.92 -20.13
N THR C 52 10.40 24.58 -21.40
CA THR C 52 9.43 24.80 -22.46
C THR C 52 8.82 23.45 -22.80
N PRO C 53 7.63 23.12 -22.29
CA PRO C 53 7.14 21.74 -22.38
C PRO C 53 6.72 21.35 -23.80
N VAL C 54 6.69 20.04 -24.03
CA VAL C 54 6.42 19.47 -25.35
C VAL C 54 4.95 19.07 -25.43
N PRO C 55 4.36 19.01 -26.61
CA PRO C 55 2.98 18.52 -26.72
C PRO C 55 2.86 17.03 -26.43
N ALA C 56 1.62 16.57 -26.31
CA ALA C 56 1.35 15.20 -25.90
C ALA C 56 1.60 14.18 -27.00
N SER C 57 1.91 14.61 -28.23
CA SER C 57 2.30 13.67 -29.27
C SER C 57 3.74 13.20 -29.09
N GLU C 58 4.54 13.92 -28.30
CA GLU C 58 5.93 13.56 -28.05
C GLU C 58 6.17 13.09 -26.63
N ASN C 59 5.21 13.26 -25.73
CA ASN C 59 5.38 12.98 -24.32
C ASN C 59 5.16 11.51 -24.03
N PRO C 60 6.21 10.75 -23.67
CA PRO C 60 6.06 9.31 -23.46
C PRO C 60 5.35 8.93 -22.18
N PHE C 61 5.09 9.88 -21.28
CA PHE C 61 4.34 9.64 -20.06
C PHE C 61 2.90 10.10 -20.18
N ARG C 62 2.35 10.09 -21.39
CA ARG C 62 0.96 10.48 -21.63
C ARG C 62 -0.01 9.45 -21.04
N ASP D 3 26.17 -25.20 -14.87
CA ASP D 3 26.00 -25.02 -16.31
C ASP D 3 24.53 -25.16 -16.68
N VAL D 4 24.05 -24.29 -17.56
CA VAL D 4 22.65 -24.31 -17.97
C VAL D 4 22.42 -25.47 -18.93
N GLN D 5 21.46 -26.33 -18.61
CA GLN D 5 21.10 -27.40 -19.53
C GLN D 5 19.65 -27.82 -19.32
N LEU D 6 19.03 -28.25 -20.42
CA LEU D 6 17.71 -28.86 -20.45
C LEU D 6 17.87 -30.19 -21.16
N VAL D 7 17.36 -31.26 -20.56
CA VAL D 7 17.46 -32.58 -21.18
C VAL D 7 16.09 -33.25 -21.13
N GLU D 8 15.58 -33.62 -22.29
CA GLU D 8 14.23 -34.18 -22.40
C GLU D 8 14.28 -35.65 -22.78
N SER D 9 13.31 -36.40 -22.26
CA SER D 9 13.21 -37.83 -22.53
C SER D 9 11.76 -38.27 -22.46
N GLY D 10 11.49 -39.41 -23.08
CA GLY D 10 10.16 -39.98 -23.15
C GLY D 10 9.71 -40.27 -24.56
N GLY D 11 10.65 -40.33 -25.51
CA GLY D 11 10.29 -40.51 -26.89
C GLY D 11 10.03 -41.95 -27.28
N GLY D 12 10.60 -42.40 -28.39
CA GLY D 12 10.48 -43.78 -28.79
C GLY D 12 9.32 -44.05 -29.72
N LEU D 13 9.12 -45.34 -30.01
CA LEU D 13 8.11 -45.77 -30.96
C LEU D 13 6.81 -46.07 -30.25
N VAL D 14 5.72 -45.42 -30.67
CA VAL D 14 4.41 -45.59 -30.07
C VAL D 14 3.44 -46.01 -31.17
N GLN D 15 2.57 -46.96 -30.87
CA GLN D 15 1.49 -47.32 -31.77
C GLN D 15 0.52 -46.14 -31.93
N PRO D 16 -0.13 -46.02 -33.09
CA PRO D 16 -0.99 -44.85 -33.31
C PRO D 16 -2.28 -44.93 -32.50
N GLY D 17 -2.80 -43.76 -32.15
CA GLY D 17 -3.99 -43.65 -31.34
C GLY D 17 -3.77 -43.72 -29.86
N GLY D 18 -2.58 -44.10 -29.41
CA GLY D 18 -2.31 -44.31 -28.00
C GLY D 18 -2.01 -43.06 -27.20
N SER D 19 -1.01 -43.15 -26.33
CA SER D 19 -0.65 -42.03 -25.47
C SER D 19 0.82 -42.17 -25.09
N ARG D 20 1.45 -41.04 -24.80
CA ARG D 20 2.86 -40.99 -24.46
C ARG D 20 3.14 -39.68 -23.72
N LYS D 21 4.10 -39.70 -22.81
CA LYS D 21 4.47 -38.51 -22.05
C LYS D 21 5.94 -38.18 -22.30
N LEU D 22 6.22 -36.89 -22.44
CA LEU D 22 7.57 -36.34 -22.57
C LEU D 22 7.87 -35.48 -21.34
N SER D 23 9.14 -35.38 -21.00
CA SER D 23 9.52 -34.48 -19.90
C SER D 23 10.95 -34.01 -20.07
N CYS D 24 11.17 -32.71 -19.83
CA CYS D 24 12.52 -32.14 -19.82
C CYS D 24 12.87 -31.74 -18.40
N SER D 25 14.02 -32.20 -17.94
CA SER D 25 14.61 -31.85 -16.67
C SER D 25 15.60 -30.72 -16.87
N ALA D 26 15.55 -29.71 -16.00
CA ALA D 26 16.29 -28.47 -16.17
C ALA D 26 17.29 -28.30 -15.04
N SER D 27 18.57 -28.25 -15.38
CA SER D 27 19.65 -28.15 -14.41
C SER D 27 20.48 -26.91 -14.72
N GLY D 28 20.45 -25.92 -13.83
CA GLY D 28 21.42 -24.86 -13.94
C GLY D 28 20.87 -23.45 -14.01
N PHE D 29 19.57 -23.27 -13.84
CA PHE D 29 18.99 -21.94 -13.90
C PHE D 29 17.74 -21.91 -13.03
N ALA D 30 17.22 -20.70 -12.81
CA ALA D 30 16.05 -20.49 -11.99
C ALA D 30 14.82 -20.86 -12.80
N PHE D 31 14.41 -22.13 -12.69
CA PHE D 31 13.34 -22.67 -13.52
C PHE D 31 11.99 -22.02 -13.24
N SER D 32 11.76 -21.55 -12.02
CA SER D 32 10.44 -21.09 -11.63
C SER D 32 10.06 -19.75 -12.26
N SER D 33 11.01 -19.01 -12.83
CA SER D 33 10.75 -17.70 -13.38
C SER D 33 10.84 -17.65 -14.89
N PHE D 34 11.05 -18.78 -15.56
CA PHE D 34 11.14 -18.85 -17.00
C PHE D 34 9.86 -19.46 -17.55
N GLY D 35 9.25 -18.80 -18.53
CA GLY D 35 8.23 -19.46 -19.32
C GLY D 35 8.84 -20.55 -20.16
N MET D 36 8.05 -21.56 -20.49
CA MET D 36 8.59 -22.73 -21.17
C MET D 36 7.75 -23.06 -22.40
N HIS D 37 8.39 -23.57 -23.43
CA HIS D 37 7.75 -23.94 -24.69
C HIS D 37 8.16 -25.35 -25.08
N TRP D 38 7.27 -26.01 -25.81
CA TRP D 38 7.58 -27.23 -26.55
C TRP D 38 7.49 -26.88 -28.02
N VAL D 39 8.56 -27.16 -28.76
CA VAL D 39 8.69 -26.84 -30.17
C VAL D 39 9.18 -28.09 -30.88
N ARG D 40 8.48 -28.53 -31.92
CA ARG D 40 8.82 -29.80 -32.54
C ARG D 40 9.29 -29.60 -33.97
N GLN D 41 9.92 -30.64 -34.52
CA GLN D 41 10.45 -30.61 -35.87
C GLN D 41 10.22 -31.97 -36.50
N ALA D 42 9.58 -31.98 -37.68
CA ALA D 42 9.32 -33.19 -38.45
C ALA D 42 10.63 -33.86 -38.88
N PRO D 43 10.60 -35.14 -39.29
CA PRO D 43 11.86 -35.81 -39.68
C PRO D 43 12.62 -35.19 -40.85
N GLU D 44 11.94 -34.53 -41.77
CA GLU D 44 12.63 -33.87 -42.87
C GLU D 44 12.19 -32.44 -43.12
N LYS D 45 11.22 -31.92 -42.36
CA LYS D 45 10.69 -30.59 -42.60
C LYS D 45 11.20 -29.62 -41.55
N GLY D 46 10.79 -28.35 -41.68
CA GLY D 46 11.12 -27.33 -40.71
C GLY D 46 10.36 -27.50 -39.42
N LEU D 47 10.62 -26.60 -38.50
CA LEU D 47 10.16 -26.81 -37.13
C LEU D 47 9.01 -25.88 -36.77
N GLU D 48 8.15 -26.37 -35.87
CA GLU D 48 6.88 -25.72 -35.55
C GLU D 48 6.64 -25.78 -34.05
N TRP D 49 5.76 -24.89 -33.59
CA TRP D 49 5.54 -24.63 -32.18
C TRP D 49 4.29 -25.35 -31.70
N VAL D 50 4.40 -26.15 -30.64
CA VAL D 50 3.26 -26.94 -30.20
C VAL D 50 2.68 -26.49 -28.86
N ALA D 51 3.48 -26.01 -27.90
CA ALA D 51 2.86 -25.69 -26.61
C ALA D 51 3.64 -24.62 -25.86
N TYR D 52 2.95 -23.92 -24.96
CA TYR D 52 3.59 -22.93 -24.11
C TYR D 52 2.91 -22.87 -22.75
N ILE D 53 3.70 -22.95 -21.69
CA ILE D 53 3.22 -22.73 -20.34
C ILE D 53 3.96 -21.54 -19.73
N SER D 54 3.27 -20.79 -18.89
CA SER D 54 3.79 -19.54 -18.37
C SER D 54 4.69 -19.76 -17.17
N SER D 55 5.13 -18.65 -16.60
CA SER D 55 5.80 -18.68 -15.30
C SER D 55 4.73 -18.60 -14.21
N GLY D 56 4.70 -19.60 -13.34
CA GLY D 56 3.61 -19.72 -12.40
C GLY D 56 2.38 -20.39 -12.95
N SER D 57 2.45 -20.91 -14.18
CA SER D 57 1.40 -21.66 -14.88
C SER D 57 0.10 -20.88 -15.03
N GLY D 58 0.16 -19.55 -15.06
CA GLY D 58 -1.06 -18.78 -15.20
C GLY D 58 -1.55 -18.57 -16.61
N THR D 59 -0.87 -19.13 -17.61
CA THR D 59 -1.23 -18.93 -19.01
C THR D 59 -0.70 -20.10 -19.81
N ILE D 60 -1.58 -20.79 -20.54
CA ILE D 60 -1.21 -21.95 -21.34
C ILE D 60 -1.78 -21.77 -22.74
N TYR D 61 -0.93 -21.93 -23.76
CA TYR D 61 -1.34 -21.81 -25.14
C TYR D 61 -0.93 -23.05 -25.92
N TYR D 62 -1.75 -23.41 -26.91
CA TYR D 62 -1.50 -24.56 -27.77
C TYR D 62 -1.65 -24.17 -29.23
N ALA D 63 -0.99 -24.93 -30.09
CA ALA D 63 -1.24 -24.82 -31.51
C ALA D 63 -2.60 -25.43 -31.83
N ASP D 64 -3.13 -25.10 -33.01
CA ASP D 64 -4.43 -25.62 -33.42
C ASP D 64 -4.39 -27.11 -33.74
N THR D 65 -3.20 -27.65 -34.06
CA THR D 65 -3.12 -29.05 -34.43
C THR D 65 -3.21 -29.95 -33.21
N VAL D 66 -2.68 -29.50 -32.07
CA VAL D 66 -2.60 -30.31 -30.87
C VAL D 66 -3.58 -29.83 -29.79
N LYS D 67 -4.47 -28.92 -30.13
CA LYS D 67 -5.38 -28.34 -29.14
C LYS D 67 -6.46 -29.36 -28.78
N GLY D 68 -6.46 -29.80 -27.52
CA GLY D 68 -7.45 -30.73 -27.02
C GLY D 68 -6.90 -32.11 -26.73
N ARG D 69 -5.89 -32.56 -27.48
CA ARG D 69 -5.33 -33.88 -27.26
C ARG D 69 -3.94 -33.85 -26.64
N PHE D 70 -3.33 -32.68 -26.50
CA PHE D 70 -2.07 -32.52 -25.78
C PHE D 70 -2.33 -31.68 -24.54
N THR D 71 -1.50 -31.87 -23.53
CA THR D 71 -1.51 -30.97 -22.39
C THR D 71 -0.09 -30.80 -21.87
N ILE D 72 0.18 -29.65 -21.28
CA ILE D 72 1.52 -29.28 -20.83
C ILE D 72 1.44 -28.83 -19.38
N SER D 73 2.38 -29.28 -18.56
CA SER D 73 2.34 -28.96 -17.13
C SER D 73 3.75 -28.98 -16.55
N ARG D 74 4.02 -28.06 -15.65
CA ARG D 74 5.35 -27.95 -15.06
C ARG D 74 5.33 -28.38 -13.60
N ASP D 75 6.49 -28.83 -13.13
CA ASP D 75 6.72 -29.24 -11.75
C ASP D 75 7.88 -28.40 -11.24
N ASP D 76 7.55 -27.28 -10.58
CA ASP D 76 8.52 -26.28 -10.16
C ASP D 76 9.44 -26.71 -9.01
N PRO D 77 9.01 -27.47 -7.98
CA PRO D 77 10.03 -27.99 -7.05
C PRO D 77 10.90 -29.08 -7.65
N LYS D 78 10.32 -29.99 -8.43
CA LYS D 78 11.11 -31.06 -9.02
C LYS D 78 11.78 -30.65 -10.33
N ASN D 79 11.53 -29.41 -10.80
CA ASN D 79 12.26 -28.77 -11.90
C ASN D 79 12.08 -29.51 -13.22
N THR D 80 10.84 -29.88 -13.55
CA THR D 80 10.59 -30.60 -14.79
C THR D 80 9.43 -29.96 -15.55
N LEU D 81 9.38 -30.24 -16.84
CA LEU D 81 8.26 -29.83 -17.68
C LEU D 81 7.77 -31.06 -18.42
N PHE D 82 6.46 -31.30 -18.39
CA PHE D 82 5.82 -32.47 -18.97
C PHE D 82 4.92 -32.06 -20.12
N LEU D 83 4.88 -32.92 -21.13
CA LEU D 83 3.91 -32.85 -22.22
C LEU D 83 3.24 -34.22 -22.32
N GLN D 84 1.95 -34.28 -21.98
CA GLN D 84 1.19 -35.51 -22.09
C GLN D 84 0.40 -35.49 -23.39
N MET D 85 0.64 -36.48 -24.23
CA MET D 85 0.09 -36.54 -25.58
C MET D 85 -0.83 -37.74 -25.66
N THR D 86 -2.11 -37.50 -25.92
CA THR D 86 -3.09 -38.53 -26.22
C THR D 86 -3.57 -38.35 -27.65
N SER D 87 -4.19 -39.41 -28.18
CA SER D 87 -4.72 -39.47 -29.56
C SER D 87 -3.63 -39.17 -30.59
N LEU D 88 -2.60 -40.01 -30.57
CA LEU D 88 -1.45 -39.82 -31.44
C LEU D 88 -1.80 -40.22 -32.86
N ARG D 89 -1.50 -39.36 -33.83
CA ARG D 89 -1.58 -39.73 -35.22
C ARG D 89 -0.18 -39.98 -35.76
N SER D 90 -0.09 -40.35 -37.04
CA SER D 90 1.21 -40.49 -37.67
C SER D 90 1.78 -39.16 -38.13
N GLU D 91 1.10 -38.05 -37.85
CA GLU D 91 1.61 -36.71 -38.10
C GLU D 91 2.29 -36.11 -36.88
N ASP D 92 2.47 -36.91 -35.84
CA ASP D 92 3.15 -36.48 -34.63
C ASP D 92 4.54 -37.09 -34.52
N THR D 93 4.97 -37.86 -35.52
CA THR D 93 6.35 -38.29 -35.61
C THR D 93 7.24 -37.08 -35.79
N ALA D 94 8.14 -36.84 -34.83
CA ALA D 94 8.88 -35.59 -34.79
C ALA D 94 10.07 -35.74 -33.86
N MET D 95 10.73 -34.61 -33.61
CA MET D 95 11.71 -34.43 -32.56
C MET D 95 11.26 -33.24 -31.73
N TYR D 96 11.29 -33.37 -30.42
CA TYR D 96 10.68 -32.40 -29.53
C TYR D 96 11.76 -31.69 -28.74
N TYR D 97 11.69 -30.36 -28.73
CA TYR D 97 12.63 -29.48 -28.04
C TYR D 97 11.93 -28.72 -26.94
N CYS D 98 12.58 -28.65 -25.79
CA CYS D 98 12.12 -27.90 -24.64
C CYS D 98 12.89 -26.59 -24.60
N VAL D 99 12.18 -25.47 -24.67
CA VAL D 99 12.78 -24.15 -24.85
C VAL D 99 12.42 -23.29 -23.65
N ARG D 100 13.38 -22.57 -23.10
CA ARG D 100 13.09 -21.58 -22.07
C ARG D 100 12.97 -20.20 -22.69
N SER D 101 12.19 -19.33 -22.06
CA SER D 101 12.00 -17.96 -22.55
C SER D 101 11.50 -17.10 -21.40
N ILE D 102 12.14 -15.98 -21.15
CA ILE D 102 11.78 -15.09 -20.05
C ILE D 102 11.41 -13.74 -20.64
N TYR D 103 10.38 -13.10 -20.08
CA TYR D 103 9.82 -11.88 -20.65
C TYR D 103 9.80 -10.77 -19.59
N TYR D 104 10.62 -9.75 -19.80
CA TYR D 104 10.52 -8.46 -19.14
C TYR D 104 11.03 -7.42 -20.14
N TYR D 105 11.26 -6.19 -19.70
CA TYR D 105 11.68 -5.16 -20.62
C TYR D 105 13.15 -5.34 -20.99
N GLY D 106 13.42 -5.70 -22.23
CA GLY D 106 14.78 -5.88 -22.68
C GLY D 106 15.34 -7.26 -22.51
N SER D 107 14.49 -8.26 -22.32
CA SER D 107 14.94 -9.62 -22.11
C SER D 107 15.27 -10.28 -23.44
N SER D 108 15.68 -11.54 -23.37
CA SER D 108 16.05 -12.34 -24.53
C SER D 108 15.29 -13.66 -24.50
N PRO D 109 14.08 -13.72 -25.07
CA PRO D 109 13.35 -14.98 -25.09
C PRO D 109 13.97 -15.96 -26.08
N PHE D 110 13.60 -17.23 -25.90
CA PHE D 110 14.00 -18.35 -26.76
C PHE D 110 15.51 -18.55 -26.80
N ASP D 111 16.20 -18.25 -25.71
CA ASP D 111 17.66 -18.18 -25.78
C ASP D 111 18.33 -19.55 -25.69
N PHE D 112 17.86 -20.43 -24.82
CA PHE D 112 18.47 -21.75 -24.67
C PHE D 112 17.45 -22.81 -25.07
N TRP D 113 17.90 -23.75 -25.90
CA TRP D 113 17.06 -24.80 -26.44
C TRP D 113 17.53 -26.15 -25.92
N GLY D 114 16.60 -27.08 -25.73
CA GLY D 114 16.91 -28.39 -25.21
C GLY D 114 17.64 -29.29 -26.19
N GLN D 115 17.54 -30.59 -25.93
CA GLN D 115 18.27 -31.57 -26.73
C GLN D 115 17.38 -32.32 -27.72
N GLY D 116 16.13 -32.60 -27.36
CA GLY D 116 15.18 -33.20 -28.29
C GLY D 116 14.95 -34.68 -28.15
N THR D 117 13.68 -35.08 -28.03
CA THR D 117 13.28 -36.49 -28.03
C THR D 117 12.73 -36.86 -29.39
N THR D 118 13.16 -38.01 -29.92
CA THR D 118 12.65 -38.48 -31.19
C THR D 118 11.43 -39.37 -30.95
N LEU D 119 10.25 -38.83 -31.25
CA LEU D 119 9.01 -39.58 -31.13
C LEU D 119 8.64 -40.14 -32.49
N THR D 120 8.49 -41.46 -32.57
CA THR D 120 8.06 -42.12 -33.79
C THR D 120 6.68 -42.70 -33.54
N VAL D 121 5.76 -42.47 -34.47
CA VAL D 121 4.44 -43.09 -34.41
C VAL D 121 4.31 -43.98 -35.64
N SER D 122 3.66 -45.12 -35.46
CA SER D 122 3.49 -46.07 -36.55
C SER D 122 2.29 -45.70 -37.42
N GLY D 137 -5.27 -20.12 -41.48
CA GLY D 137 -6.38 -19.88 -40.57
C GLY D 137 -6.18 -18.67 -39.70
N SER D 138 -6.19 -17.49 -40.33
CA SER D 138 -5.95 -16.18 -39.70
C SER D 138 -4.62 -16.14 -38.94
N ASP D 139 -3.61 -16.73 -39.56
CA ASP D 139 -2.28 -16.85 -39.00
C ASP D 139 -1.39 -15.74 -39.55
N ILE D 140 -0.12 -15.77 -39.17
CA ILE D 140 0.90 -14.91 -39.76
C ILE D 140 1.82 -15.79 -40.57
N VAL D 141 1.73 -15.70 -41.90
CA VAL D 141 2.47 -16.58 -42.79
C VAL D 141 3.86 -16.00 -42.98
N MET D 142 4.87 -16.65 -42.40
CA MET D 142 6.25 -16.26 -42.58
C MET D 142 6.81 -17.00 -43.78
N THR D 143 7.37 -16.26 -44.74
CA THR D 143 7.78 -16.81 -46.02
C THR D 143 9.28 -16.62 -46.20
N GLN D 144 10.01 -17.73 -46.28
CA GLN D 144 11.41 -17.73 -46.69
C GLN D 144 11.48 -18.41 -48.04
N ALA D 145 11.61 -17.62 -49.10
CA ALA D 145 11.46 -18.11 -50.46
C ALA D 145 12.65 -18.92 -50.95
N THR D 146 13.76 -18.92 -50.23
CA THR D 146 14.95 -19.64 -50.65
C THR D 146 15.02 -20.99 -49.95
N SER D 147 15.82 -21.89 -50.51
CA SER D 147 15.97 -23.20 -49.92
C SER D 147 17.43 -23.57 -49.73
N SER D 148 18.30 -23.04 -50.60
CA SER D 148 19.72 -23.34 -50.56
C SER D 148 20.47 -22.25 -51.30
N VAL D 149 21.47 -21.68 -50.65
CA VAL D 149 22.35 -20.69 -51.27
C VAL D 149 23.79 -21.22 -51.17
N PRO D 150 24.52 -21.35 -52.28
CA PRO D 150 25.92 -21.81 -52.20
C PRO D 150 26.80 -20.70 -51.66
N VAL D 151 27.67 -21.06 -50.71
CA VAL D 151 28.51 -20.09 -50.02
C VAL D 151 29.97 -20.44 -50.21
N THR D 152 30.82 -19.44 -50.01
CA THR D 152 32.27 -19.54 -49.96
C THR D 152 32.78 -18.85 -48.70
N PRO D 153 33.75 -19.43 -48.01
CA PRO D 153 34.19 -18.88 -46.71
C PRO D 153 34.92 -17.55 -46.88
N GLY D 154 34.35 -16.50 -46.30
CA GLY D 154 34.87 -15.15 -46.44
C GLY D 154 34.02 -14.28 -47.35
N GLU D 155 32.70 -14.47 -47.30
CA GLU D 155 31.79 -13.69 -48.12
C GLU D 155 30.54 -13.38 -47.29
N SER D 156 29.92 -12.24 -47.59
CA SER D 156 28.73 -11.80 -46.88
C SER D 156 27.49 -12.37 -47.56
N VAL D 157 26.66 -13.06 -46.79
CA VAL D 157 25.44 -13.70 -47.29
C VAL D 157 24.25 -13.04 -46.63
N SER D 158 23.22 -12.73 -47.41
CA SER D 158 22.01 -12.10 -46.89
C SER D 158 20.82 -13.04 -47.11
N ILE D 159 20.04 -13.25 -46.06
CA ILE D 159 18.92 -14.18 -46.06
C ILE D 159 17.66 -13.39 -45.73
N SER D 160 16.65 -13.50 -46.57
CA SER D 160 15.41 -12.76 -46.42
C SER D 160 14.32 -13.63 -45.82
N CYS D 161 13.34 -12.97 -45.19
CA CYS D 161 12.20 -13.63 -44.58
C CYS D 161 11.05 -12.65 -44.61
N ARG D 162 10.06 -12.89 -45.46
CA ARG D 162 8.99 -11.93 -45.71
C ARG D 162 7.75 -12.32 -44.90
N SER D 163 7.25 -11.38 -44.11
CA SER D 163 6.05 -11.62 -43.34
C SER D 163 4.80 -11.31 -44.18
N SER D 164 3.64 -11.67 -43.64
CA SER D 164 2.36 -11.32 -44.26
C SER D 164 1.67 -10.18 -43.55
N LYS D 165 1.58 -10.25 -42.22
CA LYS D 165 1.14 -9.13 -41.40
C LYS D 165 2.35 -8.30 -41.03
N SER D 166 2.12 -7.03 -40.74
CA SER D 166 3.20 -6.15 -40.30
C SER D 166 3.56 -6.49 -38.86
N LEU D 167 4.83 -6.78 -38.63
CA LEU D 167 5.32 -7.15 -37.31
C LEU D 167 5.72 -5.96 -36.46
N LEU D 168 5.70 -4.75 -37.02
CA LEU D 168 6.05 -3.54 -36.28
C LEU D 168 4.88 -3.18 -35.37
N HIS D 169 5.05 -3.38 -34.07
CA HIS D 169 4.00 -3.03 -33.14
C HIS D 169 3.98 -1.51 -32.92
N SER D 170 2.92 -1.04 -32.26
CA SER D 170 2.76 0.40 -32.05
C SER D 170 3.75 0.95 -31.02
N ASN D 171 4.34 0.08 -30.20
CA ASN D 171 5.34 0.52 -29.23
C ASN D 171 6.76 0.48 -29.78
N GLY D 172 6.93 0.31 -31.08
CA GLY D 172 8.21 0.41 -31.73
C GLY D 172 8.92 -0.91 -31.90
N ASN D 173 8.58 -1.91 -31.09
CA ASN D 173 9.25 -3.20 -31.19
C ASN D 173 8.76 -3.96 -32.42
N THR D 174 9.70 -4.54 -33.16
CA THR D 174 9.39 -5.40 -34.30
C THR D 174 9.77 -6.82 -33.90
N TYR D 175 8.77 -7.65 -33.61
CA TYR D 175 9.00 -8.98 -33.05
C TYR D 175 9.36 -9.95 -34.17
N LEU D 176 10.66 -10.07 -34.43
CA LEU D 176 11.18 -11.04 -35.37
C LEU D 176 12.44 -11.65 -34.79
N TYR D 177 12.54 -12.99 -34.82
CA TYR D 177 13.62 -13.72 -34.20
C TYR D 177 14.30 -14.58 -35.24
N TRP D 178 15.62 -14.65 -35.20
CA TRP D 178 16.40 -15.44 -36.15
C TRP D 178 17.19 -16.49 -35.38
N PHE D 179 16.98 -17.75 -35.75
CA PHE D 179 17.64 -18.92 -35.17
C PHE D 179 18.51 -19.61 -36.22
N LEU D 180 19.52 -20.33 -35.73
CA LEU D 180 20.47 -21.09 -36.53
C LEU D 180 20.50 -22.52 -36.04
N GLN D 181 20.31 -23.47 -36.95
CA GLN D 181 20.43 -24.88 -36.63
C GLN D 181 21.58 -25.46 -37.44
N ARG D 182 22.66 -25.80 -36.75
CA ARG D 182 23.79 -26.46 -37.37
C ARG D 182 23.43 -27.91 -37.66
N PRO D 183 24.11 -28.56 -38.60
CA PRO D 183 23.78 -29.95 -38.93
C PRO D 183 24.13 -30.90 -37.80
N GLY D 184 23.11 -31.40 -37.13
CA GLY D 184 23.28 -32.42 -36.11
C GLY D 184 22.95 -32.01 -34.69
N GLN D 185 22.42 -30.82 -34.48
CA GLN D 185 22.11 -30.38 -33.11
C GLN D 185 20.90 -29.45 -33.16
N SER D 186 20.59 -28.86 -32.05
CA SER D 186 19.45 -28.04 -31.69
C SER D 186 19.68 -26.60 -32.11
N PRO D 187 18.61 -25.84 -32.36
CA PRO D 187 18.76 -24.45 -32.80
C PRO D 187 19.36 -23.55 -31.73
N GLN D 188 19.69 -22.34 -32.14
CA GLN D 188 20.41 -21.39 -31.30
C GLN D 188 19.99 -20.00 -31.71
N LEU D 189 19.62 -19.18 -30.73
CA LEU D 189 19.07 -17.86 -31.00
C LEU D 189 20.19 -16.94 -31.48
N LEU D 190 20.12 -16.53 -32.75
CA LEU D 190 21.09 -15.56 -33.26
C LEU D 190 20.67 -14.15 -32.90
N ILE D 191 19.53 -13.68 -33.43
CA ILE D 191 19.09 -12.33 -33.11
C ILE D 191 17.65 -12.36 -32.62
N TYR D 192 17.28 -11.33 -31.86
CA TYR D 192 15.96 -11.20 -31.28
C TYR D 192 15.46 -9.77 -31.46
N ARG D 193 14.19 -9.65 -31.82
CA ARG D 193 13.51 -8.37 -32.12
C ARG D 193 14.19 -7.60 -33.25
N MET D 194 14.63 -8.35 -34.26
CA MET D 194 15.04 -7.89 -35.59
C MET D 194 16.38 -7.14 -35.61
N SER D 195 16.89 -6.75 -34.48
CA SER D 195 18.17 -6.05 -34.47
C SER D 195 19.14 -6.59 -33.44
N ASN D 196 18.66 -6.98 -32.27
CA ASN D 196 19.52 -7.20 -31.11
C ASN D 196 20.18 -8.55 -31.18
N LEU D 197 21.50 -8.58 -31.03
CA LEU D 197 22.23 -9.83 -30.98
C LEU D 197 22.13 -10.48 -29.62
N ALA D 198 21.99 -11.80 -29.62
CA ALA D 198 21.92 -12.53 -28.36
C ALA D 198 23.31 -12.63 -27.74
N SER D 199 23.34 -12.97 -26.45
CA SER D 199 24.59 -13.09 -25.72
C SER D 199 25.32 -14.35 -26.15
N GLY D 200 26.54 -14.21 -26.64
CA GLY D 200 27.34 -15.32 -27.09
C GLY D 200 27.38 -15.51 -28.58
N VAL D 201 26.74 -14.63 -29.34
CA VAL D 201 26.75 -14.67 -30.81
C VAL D 201 27.95 -13.84 -31.26
N PRO D 202 28.69 -14.26 -32.27
CA PRO D 202 29.71 -13.38 -32.86
C PRO D 202 29.08 -12.15 -33.48
N ASP D 203 29.82 -11.05 -33.46
CA ASP D 203 29.28 -9.76 -33.86
C ASP D 203 29.20 -9.57 -35.37
N ARG D 204 29.44 -10.60 -36.17
CA ARG D 204 29.37 -10.48 -37.61
C ARG D 204 27.95 -10.63 -38.14
N PHE D 205 27.04 -11.15 -37.33
CA PHE D 205 25.63 -11.23 -37.71
C PHE D 205 24.97 -9.88 -37.52
N SER D 206 24.08 -9.51 -38.44
CA SER D 206 23.35 -8.26 -38.31
C SER D 206 21.93 -8.45 -38.82
N GLY D 207 20.97 -7.84 -38.14
CA GLY D 207 19.57 -7.92 -38.53
C GLY D 207 19.07 -6.57 -39.01
N SER D 208 18.46 -6.58 -40.19
CA SER D 208 17.90 -5.39 -40.80
C SER D 208 16.49 -5.69 -41.24
N GLY D 209 15.76 -4.64 -41.61
CA GLY D 209 14.45 -4.79 -42.19
C GLY D 209 13.44 -3.87 -41.56
N SER D 210 12.24 -3.88 -42.12
CA SER D 210 11.17 -3.02 -41.66
C SER D 210 9.83 -3.64 -41.99
N GLY D 211 8.94 -3.66 -41.00
CA GLY D 211 7.52 -3.85 -41.23
C GLY D 211 7.12 -5.24 -41.66
N THR D 212 7.46 -5.59 -42.90
CA THR D 212 7.23 -6.91 -43.44
C THR D 212 8.43 -7.54 -44.12
N ALA D 213 9.47 -6.78 -44.44
CA ALA D 213 10.61 -7.34 -45.16
C ALA D 213 11.86 -7.29 -44.29
N PHE D 214 12.50 -8.44 -44.12
CA PHE D 214 13.57 -8.59 -43.14
C PHE D 214 14.79 -9.23 -43.79
N THR D 215 15.95 -9.04 -43.16
CA THR D 215 17.20 -9.53 -43.70
C THR D 215 18.14 -9.87 -42.55
N LEU D 216 18.77 -11.03 -42.63
CA LEU D 216 19.90 -11.39 -41.79
C LEU D 216 21.14 -11.40 -42.65
N THR D 217 22.19 -10.70 -42.22
CA THR D 217 23.42 -10.55 -42.97
C THR D 217 24.57 -11.14 -42.18
N ILE D 218 25.33 -12.02 -42.84
CA ILE D 218 26.50 -12.66 -42.27
C ILE D 218 27.72 -12.14 -43.01
N SER D 219 28.59 -11.43 -42.31
CA SER D 219 29.79 -10.83 -42.89
C SER D 219 30.99 -11.69 -42.53
N ARG D 220 31.80 -12.04 -43.55
CA ARG D 220 32.97 -12.92 -43.44
C ARG D 220 32.56 -14.27 -42.84
N LEU D 221 31.74 -14.99 -43.61
CA LEU D 221 31.17 -16.26 -43.18
C LEU D 221 32.23 -17.33 -42.99
N GLU D 222 32.21 -17.97 -41.83
CA GLU D 222 33.14 -19.04 -41.49
C GLU D 222 32.50 -20.40 -41.77
N ALA D 223 33.24 -21.46 -41.46
CA ALA D 223 32.76 -22.81 -41.74
C ALA D 223 31.79 -23.34 -40.69
N GLU D 224 31.74 -22.73 -39.52
CA GLU D 224 30.80 -23.12 -38.47
C GLU D 224 29.50 -22.34 -38.52
N ASP D 225 29.27 -21.58 -39.59
CA ASP D 225 28.04 -20.81 -39.75
C ASP D 225 27.08 -21.48 -40.72
N VAL D 226 27.24 -22.76 -40.96
CA VAL D 226 26.36 -23.48 -41.89
C VAL D 226 25.21 -24.11 -41.12
N GLY D 227 24.14 -24.38 -41.85
CA GLY D 227 22.93 -24.92 -41.25
C GLY D 227 21.73 -24.26 -41.88
N VAL D 228 20.58 -24.40 -41.21
CA VAL D 228 19.35 -23.79 -41.67
C VAL D 228 18.98 -22.66 -40.72
N TYR D 229 18.56 -21.53 -41.28
CA TYR D 229 18.25 -20.32 -40.53
C TYR D 229 16.74 -20.12 -40.57
N TYR D 230 16.14 -19.98 -39.39
CA TYR D 230 14.69 -19.87 -39.27
C TYR D 230 14.33 -18.48 -38.75
N CYS D 231 13.26 -17.91 -39.28
CA CYS D 231 12.69 -16.70 -38.72
C CYS D 231 11.38 -17.04 -38.01
N MET D 232 11.10 -16.30 -36.94
CA MET D 232 9.97 -16.63 -36.08
C MET D 232 9.35 -15.34 -35.59
N GLN D 233 8.03 -15.26 -35.67
CA GLN D 233 7.31 -14.07 -35.22
C GLN D 233 6.79 -14.27 -33.81
N HIS D 234 6.87 -13.22 -33.00
CA HIS D 234 6.36 -13.28 -31.64
C HIS D 234 5.35 -12.16 -31.39
N LEU D 235 4.64 -11.75 -32.44
CA LEU D 235 3.66 -10.69 -32.28
C LEU D 235 2.35 -11.23 -31.70
N GLU D 236 1.91 -12.39 -32.16
CA GLU D 236 0.68 -13.00 -31.66
C GLU D 236 0.84 -14.51 -31.65
N TYR D 237 0.11 -15.17 -30.74
CA TYR D 237 0.09 -16.63 -30.71
C TYR D 237 -0.94 -17.16 -31.72
N PRO D 238 -0.64 -18.26 -32.42
CA PRO D 238 0.53 -19.14 -32.39
C PRO D 238 1.76 -18.55 -33.06
N LEU D 239 2.94 -18.98 -32.61
CA LEU D 239 4.20 -18.46 -33.13
C LEU D 239 4.57 -19.27 -34.35
N THR D 240 4.65 -18.62 -35.50
CA THR D 240 4.85 -19.29 -36.77
C THR D 240 6.30 -19.14 -37.19
N PHE D 241 6.90 -20.21 -37.68
CA PHE D 241 8.28 -20.20 -38.10
C PHE D 241 8.36 -20.02 -39.62
N GLY D 242 9.56 -20.09 -40.17
CA GLY D 242 9.76 -20.11 -41.60
C GLY D 242 10.13 -21.51 -42.05
N ALA D 243 10.38 -21.64 -43.35
CA ALA D 243 10.75 -22.94 -43.88
C ALA D 243 12.24 -23.21 -43.80
N GLY D 244 13.04 -22.22 -43.43
CA GLY D 244 14.48 -22.39 -43.34
C GLY D 244 15.18 -22.10 -44.65
N THR D 245 16.49 -21.88 -44.55
CA THR D 245 17.32 -21.64 -45.72
C THR D 245 18.67 -22.32 -45.48
N LYS D 246 18.90 -23.44 -46.17
CA LYS D 246 20.13 -24.20 -45.97
C LYS D 246 21.32 -23.44 -46.56
N LEU D 247 22.50 -23.65 -45.98
CA LEU D 247 23.73 -22.99 -46.41
C LEU D 247 24.80 -24.08 -46.56
N GLU D 248 24.95 -24.59 -47.77
CA GLU D 248 25.95 -25.62 -48.05
C GLU D 248 27.13 -25.02 -48.81
N LEU D 249 28.27 -25.68 -48.69
CA LEU D 249 29.48 -25.25 -49.40
C LEU D 249 29.48 -25.80 -50.83
N TRP E 61 -47.01 20.94 17.54
CA TRP E 61 -46.97 19.68 18.28
C TRP E 61 -45.53 19.24 18.50
N VAL E 62 -45.30 18.46 19.57
CA VAL E 62 -43.95 18.17 20.01
C VAL E 62 -43.29 17.14 19.09
N LEU E 63 -44.09 16.25 18.50
CA LEU E 63 -43.53 15.15 17.70
C LEU E 63 -43.03 15.65 16.34
N ILE E 64 -43.78 16.54 15.71
CA ILE E 64 -43.36 17.12 14.44
C ILE E 64 -42.10 17.96 14.62
N ALA E 65 -42.04 18.70 15.72
CA ALA E 65 -40.84 19.48 16.05
C ALA E 65 -39.64 18.58 16.32
N GLY E 66 -39.87 17.46 17.03
CA GLY E 66 -38.78 16.55 17.33
C GLY E 66 -38.21 15.88 16.09
N TYR E 67 -39.10 15.46 15.18
CA TYR E 67 -38.64 14.86 13.92
C TYR E 67 -37.92 15.88 13.05
N ILE E 68 -38.39 17.14 13.06
CA ILE E 68 -37.74 18.18 12.28
C ILE E 68 -36.35 18.51 12.83
N ILE E 69 -36.20 18.50 14.17
CA ILE E 69 -34.88 18.70 14.76
C ILE E 69 -33.94 17.54 14.46
N VAL E 70 -34.39 16.29 14.62
CA VAL E 70 -33.47 15.17 14.44
C VAL E 70 -33.22 14.83 12.98
N PHE E 71 -33.99 15.40 12.05
CA PHE E 71 -33.70 15.24 10.62
C PHE E 71 -32.42 15.97 10.22
N VAL E 72 -32.34 17.27 10.52
CA VAL E 72 -31.27 18.10 10.03
C VAL E 72 -29.95 17.80 10.73
N VAL E 73 -29.97 17.42 12.01
CA VAL E 73 -28.75 17.11 12.74
C VAL E 73 -28.11 15.84 12.17
N ALA E 74 -28.93 14.81 11.91
CA ALA E 74 -28.45 13.58 11.30
C ALA E 74 -27.88 13.83 9.92
N LEU E 75 -28.61 14.61 9.11
CA LEU E 75 -28.20 14.88 7.74
C LEU E 75 -26.87 15.63 7.69
N ILE E 76 -26.79 16.77 8.40
CA ILE E 76 -25.59 17.58 8.27
C ILE E 76 -24.40 16.94 8.99
N GLY E 77 -24.62 16.22 10.09
CA GLY E 77 -23.50 15.58 10.76
C GLY E 77 -22.90 14.46 9.95
N ASN E 78 -23.74 13.62 9.36
CA ASN E 78 -23.20 12.51 8.59
C ASN E 78 -22.61 12.97 7.26
N VAL E 79 -23.19 13.99 6.60
CA VAL E 79 -22.54 14.43 5.37
C VAL E 79 -21.28 15.23 5.65
N LEU E 80 -21.18 15.88 6.81
CA LEU E 80 -19.92 16.54 7.16
C LEU E 80 -18.83 15.53 7.44
N VAL E 81 -19.16 14.41 8.09
CA VAL E 81 -18.15 13.37 8.28
C VAL E 81 -17.74 12.75 6.94
N CYS E 82 -18.70 12.55 6.03
CA CYS E 82 -18.38 11.99 4.72
C CYS E 82 -17.48 12.91 3.90
N VAL E 83 -17.79 14.21 3.83
CA VAL E 83 -16.97 15.10 3.01
C VAL E 83 -15.65 15.42 3.72
N ALA E 84 -15.60 15.28 5.05
CA ALA E 84 -14.34 15.50 5.74
C ALA E 84 -13.38 14.34 5.51
N VAL E 85 -13.92 13.13 5.37
CA VAL E 85 -13.07 12.02 4.96
C VAL E 85 -12.70 12.14 3.49
N TRP E 86 -13.63 12.66 2.66
CA TRP E 86 -13.39 12.74 1.22
C TRP E 86 -12.36 13.79 0.86
N LYS E 87 -12.34 14.92 1.57
CA LYS E 87 -11.38 15.97 1.24
C LYS E 87 -9.99 15.72 1.82
N ASN E 88 -9.90 15.44 3.12
CA ASN E 88 -8.61 15.24 3.77
C ASN E 88 -8.12 13.81 3.51
N HIS E 89 -6.88 13.69 3.05
CA HIS E 89 -6.33 12.38 2.74
C HIS E 89 -5.71 11.68 3.94
N HIS E 90 -5.43 12.42 5.02
CA HIS E 90 -4.89 11.82 6.23
C HIS E 90 -5.94 11.10 7.06
N MET E 91 -7.22 11.24 6.71
CA MET E 91 -8.31 10.58 7.40
C MET E 91 -8.77 9.31 6.70
N ARG E 92 -8.18 8.96 5.56
CA ARG E 92 -8.51 7.73 4.86
C ARG E 92 -7.72 6.59 5.48
N THR E 93 -8.19 6.15 6.64
CA THR E 93 -7.55 5.11 7.44
C THR E 93 -8.41 3.85 7.38
N VAL E 94 -7.84 2.74 7.85
CA VAL E 94 -8.59 1.50 7.94
C VAL E 94 -9.67 1.60 9.00
N THR E 95 -9.45 2.41 10.03
CA THR E 95 -10.45 2.56 11.09
C THR E 95 -11.62 3.42 10.65
N ASN E 96 -11.48 4.20 9.57
CA ASN E 96 -12.53 5.09 9.11
C ASN E 96 -13.43 4.46 8.04
N TYR E 97 -13.13 3.25 7.58
CA TYR E 97 -13.99 2.58 6.61
C TYR E 97 -15.35 2.25 7.22
N PHE E 98 -15.34 1.68 8.42
CA PHE E 98 -16.58 1.38 9.13
C PHE E 98 -17.34 2.65 9.50
N ILE E 99 -16.63 3.74 9.77
CA ILE E 99 -17.31 4.97 10.15
C ILE E 99 -17.96 5.65 8.95
N VAL E 100 -17.32 5.61 7.77
CA VAL E 100 -18.00 6.18 6.61
C VAL E 100 -19.12 5.26 6.13
N ASN E 101 -19.00 3.94 6.33
CA ASN E 101 -20.12 3.06 6.03
C ASN E 101 -21.29 3.31 6.98
N LEU E 102 -20.98 3.60 8.25
CA LEU E 102 -22.00 3.97 9.22
C LEU E 102 -22.65 5.30 8.86
N SER E 103 -21.89 6.23 8.30
CA SER E 103 -22.47 7.52 7.92
C SER E 103 -23.40 7.39 6.71
N LEU E 104 -23.04 6.57 5.72
CA LEU E 104 -23.98 6.30 4.63
C LEU E 104 -25.22 5.55 5.12
N ALA E 105 -25.04 4.62 6.06
CA ALA E 105 -26.19 3.92 6.62
C ALA E 105 -27.10 4.86 7.40
N ASP E 106 -26.54 5.85 8.08
CA ASP E 106 -27.38 6.78 8.82
C ASP E 106 -28.05 7.82 7.93
N VAL E 107 -27.44 8.22 6.80
CA VAL E 107 -28.22 9.07 5.90
C VAL E 107 -29.32 8.27 5.20
N LEU E 108 -29.10 6.97 4.97
CA LEU E 108 -30.18 6.16 4.42
C LEU E 108 -31.31 5.97 5.41
N VAL E 109 -30.98 5.78 6.70
CA VAL E 109 -32.00 5.70 7.74
C VAL E 109 -32.73 7.04 7.87
N THR E 110 -32.00 8.15 7.73
CA THR E 110 -32.61 9.46 7.87
C THR E 110 -33.53 9.83 6.72
N ILE E 111 -33.18 9.51 5.47
CA ILE E 111 -34.01 9.91 4.34
C ILE E 111 -35.08 8.88 3.96
N THR E 112 -34.87 7.59 4.27
CA THR E 112 -35.89 6.62 3.87
C THR E 112 -36.94 6.38 4.95
N CYS E 113 -36.56 6.50 6.22
CA CYS E 113 -37.47 6.11 7.30
C CYS E 113 -38.26 7.28 7.84
N LEU E 114 -37.58 8.37 8.19
CA LEU E 114 -38.12 9.49 8.96
C LEU E 114 -39.30 10.24 8.30
N PRO E 115 -39.21 10.73 7.01
CA PRO E 115 -40.35 11.46 6.45
C PRO E 115 -41.56 10.57 6.24
N ALA E 116 -41.31 9.32 5.83
CA ALA E 116 -42.39 8.36 5.66
C ALA E 116 -43.06 8.03 6.99
N THR E 117 -42.27 7.93 8.06
CA THR E 117 -42.83 7.67 9.39
C THR E 117 -43.73 8.81 9.84
N LEU E 118 -43.25 10.06 9.71
CA LEU E 118 -44.04 11.21 10.16
C LEU E 118 -45.30 11.39 9.31
N VAL E 119 -45.19 11.18 7.99
CA VAL E 119 -46.33 11.38 7.10
C VAL E 119 -47.39 10.30 7.33
N VAL E 120 -46.96 9.04 7.49
CA VAL E 120 -47.92 7.96 7.71
C VAL E 120 -48.56 8.08 9.10
N ASP E 121 -47.83 8.64 10.06
CA ASP E 121 -48.42 8.82 11.39
C ASP E 121 -49.45 9.95 11.41
N ILE E 122 -49.12 11.13 10.87
CA ILE E 122 -50.01 12.28 11.08
C ILE E 122 -51.18 12.26 10.11
N THR E 123 -51.20 11.32 9.17
CA THR E 123 -52.29 11.21 8.19
C THR E 123 -53.12 9.94 8.40
N GLU E 124 -52.51 8.91 8.98
CA GLU E 124 -53.06 7.57 9.16
C GLU E 124 -53.56 6.94 7.86
N THR E 125 -52.81 7.11 6.77
CA THR E 125 -53.20 6.58 5.48
C THR E 125 -51.96 6.42 4.63
N TRP E 126 -51.83 5.26 3.99
CA TRP E 126 -50.77 4.99 3.04
C TRP E 126 -51.23 5.38 1.65
N PHE E 127 -50.40 6.15 0.94
CA PHE E 127 -50.76 6.70 -0.36
C PHE E 127 -50.14 6.00 -1.55
N PHE E 128 -49.03 5.29 -1.38
CA PHE E 128 -48.07 5.14 -2.46
C PHE E 128 -48.23 3.89 -3.31
N GLY E 129 -49.34 3.19 -3.18
CA GLY E 129 -49.60 2.03 -4.03
C GLY E 129 -48.80 0.81 -3.62
N GLN E 130 -49.13 -0.33 -4.25
CA GLN E 130 -48.58 -1.60 -3.79
C GLN E 130 -47.12 -1.78 -4.21
N SER E 131 -46.71 -1.18 -5.32
CA SER E 131 -45.30 -1.29 -5.75
C SER E 131 -44.38 -0.59 -4.77
N LEU E 132 -44.72 0.62 -4.34
CA LEU E 132 -43.93 1.27 -3.30
C LEU E 132 -44.17 0.63 -1.94
N CYS E 133 -45.32 -0.01 -1.73
CA CYS E 133 -45.56 -0.73 -0.48
C CYS E 133 -44.66 -1.95 -0.37
N LYS E 134 -44.21 -2.49 -1.50
CA LYS E 134 -43.20 -3.54 -1.47
C LYS E 134 -41.77 -3.01 -1.57
N VAL E 135 -41.58 -1.79 -2.06
CA VAL E 135 -40.23 -1.26 -2.22
C VAL E 135 -39.72 -0.58 -0.95
N ILE E 136 -40.49 0.33 -0.36
CA ILE E 136 -40.03 1.21 0.73
C ILE E 136 -39.68 0.49 2.05
N PRO E 137 -40.49 -0.44 2.61
CA PRO E 137 -40.06 -1.09 3.85
C PRO E 137 -38.81 -1.94 3.71
N TYR E 138 -38.54 -2.45 2.51
CA TYR E 138 -37.30 -3.15 2.24
C TYR E 138 -36.09 -2.25 2.47
N LEU E 139 -36.11 -1.06 1.86
CA LEU E 139 -34.98 -0.14 1.99
C LEU E 139 -34.85 0.38 3.40
N GLN E 140 -35.98 0.61 4.07
CA GLN E 140 -35.97 1.09 5.46
C GLN E 140 -35.31 0.09 6.40
N THR E 141 -35.76 -1.16 6.36
CA THR E 141 -35.21 -2.16 7.27
C THR E 141 -33.79 -2.57 6.89
N VAL E 142 -33.45 -2.53 5.59
CA VAL E 142 -32.07 -2.80 5.17
C VAL E 142 -31.13 -1.73 5.72
N SER E 143 -31.54 -0.46 5.68
CA SER E 143 -30.70 0.61 6.19
C SER E 143 -30.51 0.50 7.71
N VAL E 144 -31.57 0.16 8.43
CA VAL E 144 -31.47 0.04 9.89
C VAL E 144 -30.56 -1.12 10.29
N SER E 145 -30.70 -2.28 9.62
CA SER E 145 -29.84 -3.41 10.00
C SER E 145 -28.40 -3.22 9.56
N VAL E 146 -28.15 -2.51 8.46
CA VAL E 146 -26.77 -2.17 8.08
C VAL E 146 -26.13 -1.29 9.14
N SER E 147 -26.89 -0.33 9.68
CA SER E 147 -26.37 0.55 10.73
C SER E 147 -26.03 -0.21 12.00
N VAL E 148 -26.90 -1.13 12.42
CA VAL E 148 -26.65 -1.88 13.65
C VAL E 148 -25.47 -2.85 13.48
N LEU E 149 -25.38 -3.50 12.31
CA LEU E 149 -24.29 -4.44 12.10
C LEU E 149 -22.94 -3.74 11.95
N THR E 150 -22.90 -2.53 11.39
CA THR E 150 -21.62 -1.86 11.37
C THR E 150 -21.25 -1.27 12.72
N LEU E 151 -22.22 -0.98 13.59
CA LEU E 151 -21.88 -0.65 14.97
C LEU E 151 -21.21 -1.82 15.68
N SER E 152 -21.75 -3.03 15.49
CA SER E 152 -21.15 -4.19 16.16
C SER E 152 -19.81 -4.55 15.55
N CYS E 153 -19.60 -4.27 14.26
CA CYS E 153 -18.27 -4.48 13.69
C CYS E 153 -17.25 -3.45 14.17
N ILE E 154 -17.68 -2.21 14.44
CA ILE E 154 -16.80 -1.23 15.09
C ILE E 154 -16.40 -1.73 16.49
N ALA E 155 -17.35 -2.30 17.22
CA ALA E 155 -17.04 -2.83 18.56
C ALA E 155 -16.06 -4.00 18.50
N LEU E 156 -16.23 -4.90 17.53
CA LEU E 156 -15.30 -6.02 17.40
C LEU E 156 -13.92 -5.56 16.96
N ASP E 157 -13.85 -4.56 16.09
CA ASP E 157 -12.55 -4.07 15.64
C ASP E 157 -11.84 -3.29 16.73
N ARG E 158 -12.57 -2.63 17.62
CA ARG E 158 -11.92 -2.05 18.80
C ARG E 158 -11.53 -3.10 19.81
N TRP E 159 -12.22 -4.25 19.83
CA TRP E 159 -11.78 -5.32 20.71
C TRP E 159 -10.50 -5.96 20.21
N TYR E 160 -10.33 -6.07 18.89
CA TYR E 160 -9.08 -6.59 18.33
C TYR E 160 -7.89 -5.67 18.53
N ALA E 161 -8.10 -4.38 18.76
CA ALA E 161 -7.02 -3.41 18.78
C ALA E 161 -6.57 -3.05 20.18
N ILE E 162 -7.24 -3.53 21.20
CA ILE E 162 -6.97 -3.16 22.59
C ILE E 162 -6.67 -4.39 23.44
N CYS E 163 -7.55 -5.38 23.42
CA CYS E 163 -7.34 -6.56 24.23
C CYS E 163 -6.39 -7.56 23.58
N HIS E 164 -6.11 -7.42 22.28
CA HIS E 164 -5.15 -8.27 21.59
C HIS E 164 -4.37 -7.43 20.59
N PRO E 165 -3.52 -6.53 21.05
CA PRO E 165 -2.90 -5.56 20.13
C PRO E 165 -1.75 -6.13 19.31
N LEU E 166 -1.20 -7.29 19.69
CA LEU E 166 -0.01 -7.82 19.05
C LEU E 166 -0.30 -8.88 18.01
N MET E 167 -1.55 -9.33 17.88
CA MET E 167 -1.98 -10.05 16.69
C MET E 167 -2.58 -9.02 15.75
N PHE E 168 -1.77 -8.57 14.79
CA PHE E 168 -2.08 -7.38 13.99
C PHE E 168 -3.18 -7.72 13.01
N LYS E 169 -4.41 -7.68 13.52
CA LYS E 169 -5.57 -8.20 12.80
C LYS E 169 -6.18 -7.19 11.85
N SER E 170 -6.19 -5.91 12.22
CA SER E 170 -6.87 -4.87 11.46
C SER E 170 -6.12 -4.58 10.17
N THR E 171 -6.61 -5.12 9.07
CA THR E 171 -6.13 -4.82 7.73
C THR E 171 -7.26 -4.23 6.90
N ALA E 172 -6.91 -3.67 5.74
CA ALA E 172 -7.91 -3.04 4.89
C ALA E 172 -8.78 -4.05 4.17
N LYS E 173 -8.20 -5.21 3.83
CA LYS E 173 -8.99 -6.28 3.22
C LYS E 173 -10.01 -6.85 4.19
N ARG E 174 -9.68 -6.87 5.48
CA ARG E 174 -10.63 -7.33 6.49
C ARG E 174 -11.80 -6.37 6.62
N ALA E 175 -11.54 -5.06 6.58
CA ALA E 175 -12.62 -4.08 6.64
C ALA E 175 -13.50 -4.14 5.41
N ARG E 176 -12.89 -4.32 4.23
CA ARG E 176 -13.66 -4.44 2.99
C ARG E 176 -14.55 -5.69 2.98
N ASN E 177 -14.00 -6.82 3.41
CA ASN E 177 -14.78 -8.06 3.47
C ASN E 177 -15.89 -7.96 4.52
N SER E 178 -15.63 -7.30 5.64
CA SER E 178 -16.66 -7.14 6.65
C SER E 178 -17.79 -6.24 6.17
N ILE E 179 -17.46 -5.18 5.43
CA ILE E 179 -18.47 -4.28 4.90
C ILE E 179 -19.37 -4.98 3.88
N VAL E 180 -18.75 -5.77 2.98
CA VAL E 180 -19.59 -6.44 1.98
C VAL E 180 -20.37 -7.59 2.60
N ILE E 181 -19.86 -8.19 3.68
CA ILE E 181 -20.64 -9.22 4.38
C ILE E 181 -21.83 -8.60 5.10
N ILE E 182 -21.65 -7.39 5.65
CA ILE E 182 -22.74 -6.67 6.31
C ILE E 182 -23.85 -6.36 5.31
N TRP E 183 -23.48 -5.82 4.15
CA TRP E 183 -24.47 -5.45 3.14
C TRP E 183 -25.18 -6.67 2.56
N ILE E 184 -24.43 -7.75 2.32
CA ILE E 184 -25.03 -8.97 1.76
C ILE E 184 -25.98 -9.61 2.78
N VAL E 185 -25.56 -9.74 4.04
CA VAL E 185 -26.37 -10.40 5.06
C VAL E 185 -27.65 -9.61 5.32
N SER E 186 -27.57 -8.28 5.34
CA SER E 186 -28.77 -7.48 5.54
C SER E 186 -29.72 -7.55 4.35
N CYS E 187 -29.18 -7.46 3.13
CA CYS E 187 -30.03 -7.51 1.93
C CYS E 187 -30.68 -8.88 1.74
N ILE E 188 -30.05 -9.95 2.24
CA ILE E 188 -30.68 -11.26 2.14
C ILE E 188 -31.65 -11.50 3.31
N ILE E 189 -31.40 -10.89 4.47
CA ILE E 189 -32.28 -11.19 5.60
C ILE E 189 -33.56 -10.35 5.53
N MET E 190 -33.56 -9.26 4.75
CA MET E 190 -34.79 -8.47 4.67
C MET E 190 -35.68 -8.82 3.47
N ILE E 191 -35.59 -10.04 2.93
CA ILE E 191 -36.35 -10.38 1.72
C ILE E 191 -37.86 -10.55 1.98
N PRO E 192 -38.33 -11.22 3.04
CA PRO E 192 -39.78 -11.19 3.30
C PRO E 192 -40.34 -9.83 3.71
N GLN E 193 -39.53 -8.80 3.87
CA GLN E 193 -40.03 -7.44 3.94
C GLN E 193 -40.33 -6.87 2.57
N ALA E 194 -39.94 -7.57 1.50
CA ALA E 194 -40.37 -7.23 0.15
C ALA E 194 -41.39 -8.20 -0.40
N ILE E 195 -41.40 -9.45 0.08
CA ILE E 195 -42.35 -10.43 -0.43
C ILE E 195 -43.75 -10.15 0.11
N VAL E 196 -43.86 -9.86 1.40
CA VAL E 196 -45.11 -10.02 2.14
C VAL E 196 -45.97 -8.76 2.20
N MET E 197 -45.37 -7.57 2.04
CA MET E 197 -46.04 -6.31 2.35
C MET E 197 -47.13 -6.01 1.33
N GLU E 198 -48.38 -6.05 1.76
CA GLU E 198 -49.52 -5.76 0.92
C GLU E 198 -50.23 -4.51 1.43
N CYS E 199 -50.86 -3.80 0.50
CA CYS E 199 -51.69 -2.65 0.87
C CYS E 199 -53.12 -3.12 1.11
N SER E 200 -53.63 -2.89 2.32
CA SER E 200 -54.87 -3.47 2.79
C SER E 200 -55.78 -2.36 3.30
N THR E 201 -57.04 -2.71 3.55
CA THR E 201 -58.06 -1.74 3.95
C THR E 201 -58.63 -2.15 5.30
N VAL E 202 -58.39 -1.33 6.31
CA VAL E 202 -58.74 -1.63 7.70
C VAL E 202 -60.05 -0.94 8.04
N PHE E 203 -61.01 -1.72 8.53
CA PHE E 203 -62.29 -1.20 8.97
C PHE E 203 -62.33 -1.22 10.49
N PRO E 204 -62.32 -0.06 11.17
CA PRO E 204 -62.25 -0.04 12.63
C PRO E 204 -63.43 -0.68 13.34
N GLY E 205 -64.63 -0.32 12.96
CA GLY E 205 -65.82 -0.98 13.46
C GLY E 205 -66.44 -0.41 14.71
N LEU E 206 -66.01 0.77 15.15
CA LEU E 206 -66.60 1.44 16.31
C LEU E 206 -67.30 2.69 15.83
N ALA E 207 -68.19 3.23 16.68
CA ALA E 207 -69.14 4.29 16.32
C ALA E 207 -68.50 5.59 15.85
N ASN E 208 -67.31 5.92 16.34
CA ASN E 208 -66.73 7.24 16.12
C ASN E 208 -65.76 7.31 14.95
N LYS E 209 -65.22 6.18 14.49
CA LYS E 209 -64.23 6.24 13.41
C LYS E 209 -64.90 6.46 12.06
N THR E 210 -65.75 5.52 11.63
CA THR E 210 -66.68 5.60 10.49
C THR E 210 -65.95 5.72 9.12
N THR E 211 -64.62 5.76 9.10
CA THR E 211 -63.90 6.00 7.86
C THR E 211 -62.82 4.95 7.69
N LEU E 212 -62.72 4.39 6.50
CA LEU E 212 -61.70 3.42 6.16
C LEU E 212 -60.35 4.12 6.01
N PHE E 213 -59.28 3.33 6.02
CA PHE E 213 -57.96 3.87 5.72
C PHE E 213 -57.06 2.74 5.25
N THR E 214 -56.25 3.03 4.23
CA THR E 214 -55.36 2.04 3.65
C THR E 214 -54.09 1.94 4.49
N VAL E 215 -53.66 0.73 4.77
CA VAL E 215 -52.39 0.48 5.43
C VAL E 215 -51.47 -0.27 4.48
N CYS E 216 -50.19 -0.26 4.79
CA CYS E 216 -49.19 -1.08 4.10
C CYS E 216 -48.62 -2.02 5.14
N ASP E 217 -49.21 -3.21 5.24
CA ASP E 217 -48.91 -4.11 6.35
C ASP E 217 -48.57 -5.49 5.80
N GLU E 218 -48.07 -6.34 6.67
CA GLU E 218 -47.77 -7.72 6.28
C GLU E 218 -49.06 -8.51 6.09
N ARG E 219 -48.98 -9.50 5.21
CA ARG E 219 -50.08 -10.42 4.97
C ARG E 219 -49.50 -11.81 4.84
N TRP E 220 -49.64 -12.62 5.88
CA TRP E 220 -49.14 -13.99 5.87
C TRP E 220 -50.28 -14.98 5.73
N GLY E 221 -49.92 -16.19 5.33
CA GLY E 221 -50.84 -17.32 5.38
C GLY E 221 -50.25 -18.42 6.21
N GLY E 222 -50.90 -18.74 7.33
CA GLY E 222 -50.26 -19.63 8.29
C GLY E 222 -49.53 -18.85 9.37
N GLU E 223 -49.64 -19.34 10.60
CA GLU E 223 -49.30 -18.57 11.77
C GLU E 223 -47.89 -18.83 12.32
N ILE E 224 -47.14 -19.76 11.73
CA ILE E 224 -45.84 -20.07 12.31
C ILE E 224 -44.71 -19.38 11.54
N TYR E 225 -44.93 -19.07 10.26
CA TYR E 225 -43.93 -18.32 9.49
C TYR E 225 -43.69 -16.90 9.99
N PRO E 226 -44.71 -16.06 10.31
CA PRO E 226 -44.39 -14.75 10.88
C PRO E 226 -43.75 -14.81 12.26
N LYS E 227 -44.11 -15.81 13.08
CA LYS E 227 -43.50 -15.94 14.39
C LYS E 227 -42.02 -16.30 14.28
N MET E 228 -41.67 -17.28 13.45
CA MET E 228 -40.26 -17.65 13.35
C MET E 228 -39.47 -16.59 12.59
N TYR E 229 -40.11 -15.86 11.66
CA TYR E 229 -39.39 -14.81 10.95
C TYR E 229 -39.12 -13.63 11.86
N HIS E 230 -40.07 -13.24 12.70
CA HIS E 230 -39.79 -12.08 13.55
C HIS E 230 -38.95 -12.44 14.76
N ILE E 231 -38.93 -13.71 15.17
CA ILE E 231 -37.93 -14.13 16.14
C ILE E 231 -36.52 -14.07 15.54
N CYS E 232 -36.38 -14.51 14.27
CA CYS E 232 -35.10 -14.36 13.57
C CYS E 232 -34.73 -12.89 13.37
N PHE E 233 -35.72 -12.04 13.09
CA PHE E 233 -35.51 -10.61 12.91
C PHE E 233 -35.02 -9.96 14.20
N PHE E 234 -35.64 -10.31 15.33
CA PHE E 234 -35.25 -9.74 16.61
C PHE E 234 -33.88 -10.24 17.04
N LEU E 235 -33.54 -11.49 16.69
CA LEU E 235 -32.21 -11.98 17.02
C LEU E 235 -31.13 -11.33 16.16
N VAL E 236 -31.42 -11.06 14.89
CA VAL E 236 -30.40 -10.48 14.01
C VAL E 236 -30.23 -8.98 14.26
N THR E 237 -31.30 -8.21 14.43
CA THR E 237 -31.12 -6.77 14.46
C THR E 237 -30.90 -6.22 15.87
N TYR E 238 -31.23 -6.95 16.94
CA TYR E 238 -30.98 -6.43 18.27
C TYR E 238 -30.08 -7.32 19.11
N MET E 239 -30.41 -8.60 19.28
CA MET E 239 -29.84 -9.38 20.38
C MET E 239 -28.40 -9.80 20.13
N ALA E 240 -28.09 -10.23 18.91
CA ALA E 240 -26.71 -10.62 18.61
C ALA E 240 -25.74 -9.43 18.52
N PRO E 241 -26.06 -8.28 17.90
CA PRO E 241 -25.16 -7.13 18.05
C PRO E 241 -25.03 -6.62 19.47
N LEU E 242 -26.09 -6.70 20.27
CA LEU E 242 -25.99 -6.28 21.66
C LEU E 242 -25.09 -7.22 22.45
N CYS E 243 -25.17 -8.52 22.20
CA CYS E 243 -24.31 -9.46 22.93
C CYS E 243 -22.84 -9.30 22.52
N LEU E 244 -22.58 -9.14 21.22
CA LEU E 244 -21.20 -8.92 20.77
C LEU E 244 -20.64 -7.60 21.30
N MET E 245 -21.45 -6.54 21.28
CA MET E 245 -21.00 -5.23 21.74
C MET E 245 -20.78 -5.20 23.24
N VAL E 246 -21.64 -5.89 24.00
CA VAL E 246 -21.46 -6.00 25.45
C VAL E 246 -20.21 -6.79 25.80
N LEU E 247 -19.94 -7.91 25.12
CA LEU E 247 -18.73 -8.67 25.40
C LEU E 247 -17.48 -7.88 25.06
N ALA E 248 -17.46 -7.23 23.89
CA ALA E 248 -16.30 -6.46 23.47
C ALA E 248 -16.03 -5.28 24.40
N TYR E 249 -17.05 -4.48 24.68
CA TYR E 249 -16.82 -3.31 25.53
C TYR E 249 -16.64 -3.66 26.99
N LEU E 250 -17.13 -4.81 27.45
CA LEU E 250 -16.85 -5.23 28.81
C LEU E 250 -15.41 -5.66 28.98
N GLN E 251 -14.86 -6.37 27.98
CA GLN E 251 -13.46 -6.74 28.08
C GLN E 251 -12.53 -5.54 27.89
N ILE E 252 -12.94 -4.56 27.06
CA ILE E 252 -12.17 -3.33 26.95
C ILE E 252 -12.23 -2.53 28.25
N PHE E 253 -13.37 -2.56 28.95
CA PHE E 253 -13.47 -1.89 30.25
C PHE E 253 -12.63 -2.59 31.31
N ARG E 254 -12.55 -3.92 31.25
CA ARG E 254 -11.67 -4.63 32.18
C ARG E 254 -10.20 -4.38 31.85
N LYS E 255 -9.88 -4.07 30.59
CA LYS E 255 -8.49 -3.83 30.24
C LYS E 255 -8.02 -2.44 30.68
N LEU E 256 -8.79 -1.40 30.38
CA LEU E 256 -8.38 -0.02 30.62
C LEU E 256 -8.70 0.46 32.03
N TRP E 257 -8.93 -0.44 32.97
CA TRP E 257 -9.20 -0.09 34.35
C TRP E 257 -8.32 -0.88 35.32
N GLU E 267 2.62 8.48 35.52
CA GLU E 267 1.82 7.27 35.42
C GLU E 267 0.38 7.58 35.88
N ILE E 268 0.24 8.66 36.64
CA ILE E 268 -1.08 9.09 37.08
C ILE E 268 -1.84 9.71 35.92
N LYS E 269 -1.13 10.46 35.07
CA LYS E 269 -1.77 11.19 33.98
C LYS E 269 -2.29 10.25 32.91
N GLN E 270 -1.56 9.19 32.59
CA GLN E 270 -2.05 8.29 31.55
C GLN E 270 -3.17 7.39 32.04
N ILE E 271 -3.21 7.06 33.34
CA ILE E 271 -4.35 6.33 33.88
C ILE E 271 -5.58 7.22 33.92
N ARG E 272 -5.42 8.48 34.31
CA ARG E 272 -6.52 9.43 34.27
C ARG E 272 -6.96 9.75 32.85
N ALA E 273 -6.11 9.54 31.85
CA ALA E 273 -6.51 9.76 30.47
C ALA E 273 -7.10 8.53 29.80
N ARG E 274 -6.71 7.33 30.23
CA ARG E 274 -7.28 6.11 29.67
C ARG E 274 -8.42 5.55 30.51
N ARG E 275 -8.81 6.25 31.57
CA ARG E 275 -10.06 5.92 32.26
C ARG E 275 -11.24 6.64 31.60
N LYS E 276 -11.01 7.84 31.08
CA LYS E 276 -12.02 8.60 30.35
C LYS E 276 -12.47 7.86 29.09
N THR E 277 -11.55 7.13 28.46
CA THR E 277 -11.89 6.38 27.24
C THR E 277 -12.83 5.23 27.56
N ALA E 278 -12.60 4.53 28.66
CA ALA E 278 -13.50 3.46 29.08
C ALA E 278 -14.87 4.00 29.45
N ARG E 279 -14.90 5.18 30.08
CA ARG E 279 -16.19 5.81 30.42
C ARG E 279 -16.99 6.15 29.16
N MET E 280 -16.34 6.76 28.15
CA MET E 280 -17.11 7.13 26.96
C MET E 280 -17.46 5.91 26.10
N LEU E 281 -16.68 4.83 26.17
CA LEU E 281 -17.09 3.60 25.47
C LEU E 281 -18.31 2.96 26.11
N MET E 282 -18.40 3.00 27.46
CA MET E 282 -19.62 2.52 28.09
C MET E 282 -20.80 3.44 27.81
N VAL E 283 -20.55 4.74 27.60
CA VAL E 283 -21.60 5.66 27.18
C VAL E 283 -22.15 5.29 25.81
N VAL E 284 -21.26 4.98 24.87
CA VAL E 284 -21.65 4.56 23.52
C VAL E 284 -22.49 3.28 23.57
N LEU E 285 -22.05 2.31 24.39
CA LEU E 285 -22.78 1.07 24.55
C LEU E 285 -24.18 1.29 25.13
N LEU E 286 -24.30 2.19 26.10
CA LEU E 286 -25.61 2.45 26.70
C LEU E 286 -26.54 3.19 25.75
N VAL E 287 -25.98 4.06 24.89
CA VAL E 287 -26.79 4.76 23.89
C VAL E 287 -27.40 3.78 22.90
N PHE E 288 -26.60 2.83 22.40
CA PHE E 288 -27.18 1.82 21.50
C PHE E 288 -28.15 0.90 22.24
N ALA E 289 -27.82 0.48 23.46
CA ALA E 289 -28.66 -0.46 24.18
C ALA E 289 -29.98 0.14 24.62
N ILE E 290 -30.08 1.46 24.75
CA ILE E 290 -31.33 2.08 25.16
C ILE E 290 -32.16 2.51 23.95
N CYS E 291 -31.52 3.08 22.92
CA CYS E 291 -32.30 3.67 21.83
C CYS E 291 -32.99 2.62 20.96
N TYR E 292 -32.50 1.38 20.97
CA TYR E 292 -33.07 0.33 20.13
C TYR E 292 -33.91 -0.68 20.92
N LEU E 293 -34.06 -0.50 22.22
CA LEU E 293 -34.82 -1.48 23.00
C LEU E 293 -36.34 -1.36 22.85
N PRO E 294 -36.98 -0.17 22.94
CA PRO E 294 -38.44 -0.14 22.87
C PRO E 294 -39.02 -0.58 21.53
N ILE E 295 -38.41 -0.20 20.41
CA ILE E 295 -39.00 -0.58 19.12
C ILE E 295 -38.80 -2.07 18.86
N SER E 296 -37.74 -2.66 19.43
CA SER E 296 -37.51 -4.09 19.24
C SER E 296 -38.50 -4.90 20.06
N ILE E 297 -38.70 -4.55 21.34
CA ILE E 297 -39.64 -5.35 22.12
C ILE E 297 -41.08 -5.03 21.73
N LEU E 298 -41.36 -3.84 21.19
CA LEU E 298 -42.71 -3.55 20.72
C LEU E 298 -43.01 -4.29 19.42
N ASN E 299 -42.02 -4.42 18.53
CA ASN E 299 -42.23 -5.14 17.29
C ASN E 299 -42.35 -6.65 17.56
N VAL E 300 -41.62 -7.17 18.54
CA VAL E 300 -41.76 -8.60 18.83
C VAL E 300 -42.98 -8.85 19.71
N LEU E 301 -43.55 -7.83 20.34
CA LEU E 301 -44.82 -8.00 21.05
C LEU E 301 -46.01 -7.90 20.11
N LYS E 302 -45.88 -7.14 19.02
CA LYS E 302 -46.99 -6.96 18.11
C LYS E 302 -47.10 -8.12 17.13
N ARG E 303 -45.99 -8.54 16.55
CA ARG E 303 -46.03 -9.48 15.43
C ARG E 303 -46.05 -10.93 15.90
N VAL E 304 -45.33 -11.24 16.97
CA VAL E 304 -45.23 -12.62 17.43
C VAL E 304 -46.33 -12.94 18.43
N PHE E 305 -46.38 -12.20 19.53
CA PHE E 305 -47.29 -12.54 20.62
C PHE E 305 -48.70 -12.01 20.39
N GLY E 306 -48.88 -11.14 19.40
CA GLY E 306 -50.19 -10.75 18.96
C GLY E 306 -50.90 -9.68 19.77
N MET E 307 -50.16 -8.79 20.41
CA MET E 307 -50.79 -7.70 21.14
C MET E 307 -51.05 -6.53 20.21
N PHE E 308 -51.72 -5.51 20.77
CA PHE E 308 -52.11 -4.27 20.07
C PHE E 308 -52.92 -4.56 18.82
N ALA E 309 -53.81 -5.54 18.91
CA ALA E 309 -54.63 -5.95 17.78
C ALA E 309 -56.10 -5.59 17.92
N HIS E 310 -56.66 -5.67 19.13
CA HIS E 310 -58.02 -5.25 19.38
C HIS E 310 -58.07 -3.73 19.52
N THR E 311 -58.99 -3.10 18.81
CA THR E 311 -59.05 -1.64 18.71
C THR E 311 -59.70 -1.03 19.95
N GLU E 312 -58.98 -1.11 21.07
CA GLU E 312 -59.40 -0.40 22.26
C GLU E 312 -59.19 1.10 22.09
N ASP E 313 -57.94 1.53 21.89
CA ASP E 313 -57.63 2.91 21.56
C ASP E 313 -56.43 2.88 20.63
N ARG E 314 -56.70 2.88 19.33
CA ARG E 314 -55.68 2.58 18.33
C ARG E 314 -54.92 3.81 17.88
N GLU E 315 -55.09 4.95 18.53
CA GLU E 315 -54.26 6.12 18.26
C GLU E 315 -53.34 6.47 19.42
N THR E 316 -53.43 5.74 20.53
CA THR E 316 -52.38 5.69 21.54
C THR E 316 -51.27 4.72 21.16
N VAL E 317 -51.64 3.61 20.52
CA VAL E 317 -50.67 2.64 20.04
C VAL E 317 -49.78 3.26 18.96
N TYR E 318 -50.38 4.06 18.07
CA TYR E 318 -49.60 4.71 17.03
C TYR E 318 -48.68 5.76 17.62
N ALA E 319 -49.12 6.41 18.70
CA ALA E 319 -48.30 7.43 19.36
C ALA E 319 -47.09 6.81 20.03
N TRP E 320 -47.27 5.67 20.70
CA TRP E 320 -46.13 5.05 21.37
C TRP E 320 -45.20 4.37 20.37
N PHE E 321 -45.76 3.79 19.31
CA PHE E 321 -44.94 3.23 18.25
C PHE E 321 -44.18 4.28 17.45
N THR E 322 -44.70 5.50 17.33
CA THR E 322 -43.98 6.56 16.64
C THR E 322 -43.07 7.34 17.56
N PHE E 323 -43.23 7.20 18.88
CA PHE E 323 -42.20 7.68 19.79
C PHE E 323 -41.02 6.71 19.81
N SER E 324 -41.31 5.40 19.73
CA SER E 324 -40.24 4.41 19.76
C SER E 324 -39.41 4.39 18.48
N HIS E 325 -39.90 4.96 17.39
CA HIS E 325 -39.08 5.10 16.18
C HIS E 325 -38.17 6.31 16.28
N TRP E 326 -38.60 7.32 17.05
CA TRP E 326 -37.83 8.53 17.24
C TRP E 326 -36.52 8.26 17.97
N LEU E 327 -36.51 7.25 18.83
CA LEU E 327 -35.26 6.88 19.51
C LEU E 327 -34.25 6.28 18.54
N VAL E 328 -34.73 5.50 17.56
CA VAL E 328 -33.87 4.99 16.50
C VAL E 328 -33.29 6.12 15.68
N TYR E 329 -34.13 7.09 15.32
CA TYR E 329 -33.63 8.20 14.50
C TYR E 329 -32.73 9.13 15.30
N ALA E 330 -32.96 9.24 16.60
CA ALA E 330 -32.07 10.03 17.44
C ALA E 330 -30.72 9.35 17.62
N ASN E 331 -30.70 8.02 17.64
CA ASN E 331 -29.41 7.32 17.65
C ASN E 331 -28.67 7.52 16.33
N SER E 332 -29.40 7.48 15.21
CA SER E 332 -28.76 7.71 13.92
C SER E 332 -28.30 9.16 13.76
N ALA E 333 -28.89 10.09 14.51
CA ALA E 333 -28.39 11.46 14.55
C ALA E 333 -27.22 11.64 15.51
N ALA E 334 -27.20 10.92 16.62
CA ALA E 334 -26.16 11.06 17.63
C ALA E 334 -24.95 10.18 17.37
N ASN E 335 -24.97 9.35 16.34
CA ASN E 335 -23.79 8.56 15.98
C ASN E 335 -22.55 9.39 15.60
N PRO E 336 -22.61 10.41 14.73
CA PRO E 336 -21.38 11.16 14.44
C PRO E 336 -20.90 12.04 15.58
N ILE E 337 -21.75 12.31 16.57
CA ILE E 337 -21.31 13.05 17.73
C ILE E 337 -20.50 12.14 18.66
N ILE E 338 -21.04 10.96 18.99
CA ILE E 338 -20.36 10.09 19.94
C ILE E 338 -19.30 9.21 19.31
N TYR E 339 -19.18 9.19 17.99
CA TYR E 339 -18.10 8.42 17.36
C TYR E 339 -17.00 9.28 16.76
N ASN E 340 -17.28 10.52 16.39
CA ASN E 340 -16.29 11.38 15.78
C ASN E 340 -16.02 12.65 16.56
N PHE E 341 -17.04 13.45 16.87
CA PHE E 341 -16.85 14.82 17.34
C PHE E 341 -16.65 14.93 18.83
N LEU E 342 -16.34 13.84 19.53
CA LEU E 342 -16.03 13.90 20.94
C LEU E 342 -14.57 13.62 21.22
N SER E 343 -13.76 13.46 20.18
CA SER E 343 -12.32 13.27 20.31
C SER E 343 -11.60 14.47 19.70
N GLY E 344 -10.55 14.92 20.37
CA GLY E 344 -9.83 16.10 19.91
C GLY E 344 -9.05 15.88 18.63
N LYS E 345 -8.63 14.64 18.39
CA LYS E 345 -7.88 14.32 17.18
C LYS E 345 -8.74 14.47 15.93
N PHE E 346 -10.02 14.05 16.02
CA PHE E 346 -10.90 14.21 14.88
C PHE E 346 -11.25 15.67 14.64
N ARG E 347 -11.32 16.48 15.69
CA ARG E 347 -11.54 17.91 15.50
C ARG E 347 -10.32 18.55 14.85
N GLU E 348 -9.12 18.12 15.24
CA GLU E 348 -7.91 18.71 14.67
C GLU E 348 -7.70 18.28 13.23
N GLU E 349 -8.14 17.07 12.87
CA GLU E 349 -8.09 16.64 11.47
C GLU E 349 -9.31 17.07 10.67
N PHE E 350 -10.35 17.57 11.33
CA PHE E 350 -11.58 17.98 10.65
C PHE E 350 -11.47 19.39 10.12
N LYS E 351 -10.75 20.27 10.81
CA LYS E 351 -10.57 21.64 10.37
C LYS E 351 -9.47 21.79 9.34
N ALA E 352 -8.83 20.71 8.93
CA ALA E 352 -7.86 20.73 7.83
C ALA E 352 -8.49 20.38 6.49
N ALA E 353 -9.81 20.49 6.37
CA ALA E 353 -10.49 20.20 5.13
C ALA E 353 -11.75 21.04 4.98
N VAL F 6 -55.65 -20.98 15.61
CA VAL F 6 -56.16 -19.99 14.67
C VAL F 6 -56.37 -20.65 13.30
N GLN F 7 -57.62 -20.67 12.84
CA GLN F 7 -57.97 -21.38 11.62
C GLN F 7 -59.20 -20.73 11.01
N LEU F 8 -59.12 -20.53 9.69
CA LEU F 8 -60.16 -19.93 8.87
C LEU F 8 -60.44 -20.87 7.71
N VAL F 9 -61.68 -21.32 7.58
CA VAL F 9 -62.06 -22.21 6.49
C VAL F 9 -63.19 -21.58 5.69
N GLU F 10 -63.06 -21.61 4.36
CA GLU F 10 -64.04 -21.08 3.43
C GLU F 10 -64.87 -22.23 2.85
N SER F 11 -66.11 -21.92 2.49
CA SER F 11 -66.99 -22.89 1.85
C SER F 11 -68.02 -22.15 1.02
N GLY F 12 -68.50 -22.81 -0.04
CA GLY F 12 -69.63 -22.33 -0.81
C GLY F 12 -69.33 -21.92 -2.24
N GLY F 13 -68.08 -21.95 -2.69
CA GLY F 13 -67.74 -21.49 -4.02
C GLY F 13 -68.02 -22.53 -5.08
N GLY F 14 -67.82 -22.13 -6.33
CA GLY F 14 -68.02 -23.02 -7.45
C GLY F 14 -68.19 -22.24 -8.75
N LEU F 15 -68.65 -22.96 -9.77
CA LEU F 15 -68.88 -22.39 -11.09
C LEU F 15 -70.38 -22.20 -11.29
N VAL F 16 -70.84 -20.96 -11.17
CA VAL F 16 -72.24 -20.60 -11.35
C VAL F 16 -72.32 -19.55 -12.45
N GLN F 17 -73.28 -19.73 -13.37
CA GLN F 17 -73.42 -18.88 -14.53
C GLN F 17 -73.81 -17.45 -14.15
N ALA F 18 -73.75 -16.56 -15.14
CA ALA F 18 -73.88 -15.13 -14.92
C ALA F 18 -75.31 -14.76 -14.56
N GLY F 19 -75.48 -14.08 -13.44
CA GLY F 19 -76.77 -13.61 -13.00
C GLY F 19 -77.43 -14.43 -11.91
N GLY F 20 -76.65 -15.19 -11.13
CA GLY F 20 -77.23 -15.99 -10.07
C GLY F 20 -76.95 -15.42 -8.69
N SER F 21 -76.74 -16.30 -7.72
CA SER F 21 -76.48 -15.89 -6.34
C SER F 21 -75.74 -17.01 -5.63
N LEU F 22 -74.82 -16.63 -4.76
CA LEU F 22 -74.07 -17.60 -3.95
C LEU F 22 -74.08 -17.17 -2.50
N ARG F 23 -73.61 -18.08 -1.63
CA ARG F 23 -73.57 -17.84 -0.20
C ARG F 23 -72.26 -18.42 0.32
N LEU F 24 -71.22 -17.59 0.43
CA LEU F 24 -69.95 -18.03 0.94
C LEU F 24 -69.96 -17.98 2.47
N SER F 25 -69.38 -18.99 3.10
CA SER F 25 -69.28 -19.06 4.55
C SER F 25 -67.80 -19.15 4.94
N CYS F 26 -67.45 -18.45 6.01
CA CYS F 26 -66.10 -18.46 6.58
C CYS F 26 -66.22 -18.80 8.06
N ALA F 27 -65.74 -19.97 8.44
CA ALA F 27 -65.74 -20.40 9.83
C ALA F 27 -64.38 -20.09 10.45
N ALA F 28 -64.41 -19.47 11.63
CA ALA F 28 -63.23 -18.96 12.30
C ALA F 28 -63.12 -19.56 13.70
N SER F 29 -61.93 -19.99 14.08
CA SER F 29 -61.71 -20.47 15.43
C SER F 29 -60.27 -20.22 15.84
N GLY F 30 -60.04 -20.11 17.14
CA GLY F 30 -58.69 -19.97 17.67
C GLY F 30 -58.33 -18.60 18.17
N PHE F 31 -59.10 -17.57 17.85
CA PHE F 31 -58.88 -16.23 18.39
C PHE F 31 -60.20 -15.81 19.04
N PRO F 32 -60.21 -14.78 19.90
CA PRO F 32 -61.49 -14.31 20.46
C PRO F 32 -62.44 -13.80 19.39
N VAL F 33 -63.74 -14.04 19.62
CA VAL F 33 -64.74 -13.81 18.57
C VAL F 33 -65.12 -12.35 18.42
N GLY F 34 -64.58 -11.46 19.24
CA GLY F 34 -64.87 -10.04 19.10
C GLY F 34 -63.90 -9.30 18.20
N ARG F 35 -63.84 -9.69 16.93
CA ARG F 35 -62.88 -9.11 15.99
C ARG F 35 -63.57 -8.76 14.67
N VAL F 36 -63.05 -7.73 14.01
CA VAL F 36 -63.51 -7.36 12.67
C VAL F 36 -63.03 -8.39 11.67
N MET F 37 -63.93 -8.87 10.82
CA MET F 37 -63.61 -9.87 9.81
C MET F 37 -63.80 -9.26 8.43
N TYR F 38 -62.78 -9.38 7.58
CA TYR F 38 -62.86 -8.85 6.23
C TYR F 38 -63.01 -9.98 5.24
N TRP F 39 -63.62 -9.66 4.10
CA TRP F 39 -63.67 -10.53 2.93
C TRP F 39 -62.87 -9.83 1.85
N TYR F 40 -61.83 -10.51 1.35
CA TYR F 40 -60.99 -10.04 0.27
C TYR F 40 -61.11 -10.99 -0.92
N ARG F 41 -60.70 -10.52 -2.09
CA ARG F 41 -60.62 -11.40 -3.24
C ARG F 41 -59.40 -11.04 -4.07
N GLN F 42 -58.97 -12.01 -4.88
CA GLN F 42 -57.87 -11.85 -5.80
C GLN F 42 -58.27 -12.49 -7.13
N ALA F 43 -58.32 -11.68 -8.17
CA ALA F 43 -58.56 -12.22 -9.50
C ALA F 43 -57.26 -12.77 -10.07
N PRO F 44 -57.32 -13.86 -10.85
CA PRO F 44 -56.10 -14.39 -11.48
C PRO F 44 -55.56 -13.45 -12.54
N GLY F 45 -54.39 -12.88 -12.27
CA GLY F 45 -53.81 -11.89 -13.15
C GLY F 45 -53.88 -10.48 -12.58
N LYS F 46 -54.98 -10.16 -11.90
CA LYS F 46 -55.16 -8.86 -11.30
C LYS F 46 -54.65 -8.87 -9.87
N GLU F 47 -54.77 -7.73 -9.18
CA GLU F 47 -54.27 -7.59 -7.82
C GLU F 47 -55.34 -7.95 -6.79
N ARG F 48 -55.05 -7.71 -5.52
CA ARG F 48 -55.94 -8.06 -4.40
C ARG F 48 -56.73 -6.84 -3.98
N GLU F 49 -58.05 -6.91 -4.09
CA GLU F 49 -58.94 -5.80 -3.79
C GLU F 49 -59.82 -6.12 -2.60
N TRP F 50 -60.43 -5.08 -2.04
CA TRP F 50 -61.29 -5.21 -0.87
C TRP F 50 -62.74 -5.44 -1.30
N VAL F 51 -63.40 -6.40 -0.64
CA VAL F 51 -64.79 -6.71 -0.92
C VAL F 51 -65.71 -6.25 0.21
N ALA F 52 -65.52 -6.77 1.42
CA ALA F 52 -66.46 -6.44 2.48
C ALA F 52 -65.77 -6.48 3.84
N ALA F 53 -66.47 -5.98 4.85
CA ALA F 53 -65.99 -6.03 6.22
C ALA F 53 -67.16 -6.02 7.18
N ILE F 54 -67.09 -6.83 8.22
CA ILE F 54 -68.13 -6.93 9.23
C ILE F 54 -67.51 -6.73 10.60
N SER F 55 -68.22 -6.01 11.47
CA SER F 55 -67.67 -5.48 12.72
C SER F 55 -67.58 -6.56 13.78
N SER F 56 -67.38 -6.13 15.03
CA SER F 56 -67.13 -7.04 16.14
C SER F 56 -68.34 -7.86 16.51
N HIS F 57 -69.49 -7.22 16.69
CA HIS F 57 -70.71 -7.93 17.08
C HIS F 57 -71.67 -8.16 15.92
N GLY F 58 -71.35 -7.69 14.73
CA GLY F 58 -72.20 -7.90 13.58
C GLY F 58 -73.24 -6.83 13.35
N ASP F 59 -73.05 -5.62 13.87
CA ASP F 59 -74.06 -4.58 13.75
C ASP F 59 -73.77 -3.56 12.66
N MET F 60 -72.51 -3.35 12.30
CA MET F 60 -72.14 -2.35 11.30
C MET F 60 -71.31 -3.01 10.21
N THR F 61 -71.73 -2.83 8.96
CA THR F 61 -71.06 -3.42 7.81
C THR F 61 -70.34 -2.33 7.03
N ALA F 62 -69.43 -2.75 6.15
CA ALA F 62 -68.75 -1.81 5.27
C ALA F 62 -68.44 -2.51 3.96
N TYR F 63 -68.79 -1.87 2.84
CA TYR F 63 -68.56 -2.42 1.53
C TYR F 63 -67.74 -1.43 0.71
N ALA F 64 -67.19 -1.93 -0.40
CA ALA F 64 -66.51 -1.06 -1.36
C ALA F 64 -67.54 -0.42 -2.28
N ASP F 65 -67.05 0.35 -3.26
CA ASP F 65 -67.94 0.99 -4.21
C ASP F 65 -68.41 0.02 -5.29
N SER F 66 -67.59 -0.97 -5.65
CA SER F 66 -67.89 -1.85 -6.76
C SER F 66 -68.93 -2.91 -6.44
N VAL F 67 -69.16 -3.21 -5.15
CA VAL F 67 -70.12 -4.22 -4.75
C VAL F 67 -71.14 -3.62 -3.80
N LYS F 68 -71.26 -2.29 -3.82
CA LYS F 68 -72.20 -1.61 -2.93
C LYS F 68 -73.63 -1.89 -3.37
N GLY F 69 -74.43 -2.47 -2.46
CA GLY F 69 -75.77 -2.87 -2.77
C GLY F 69 -75.90 -4.16 -3.55
N ARG F 70 -74.78 -4.76 -3.96
CA ARG F 70 -74.76 -5.98 -4.76
C ARG F 70 -74.44 -7.21 -3.94
N PHE F 71 -73.56 -7.07 -2.94
CA PHE F 71 -73.24 -8.12 -1.99
C PHE F 71 -73.89 -7.81 -0.66
N THR F 72 -73.87 -8.77 0.27
CA THR F 72 -74.25 -8.48 1.64
C THR F 72 -73.49 -9.40 2.59
N ILE F 73 -73.05 -8.83 3.71
CA ILE F 73 -72.26 -9.57 4.69
C ILE F 73 -73.07 -9.69 5.98
N SER F 74 -72.83 -10.79 6.70
CA SER F 74 -73.51 -11.05 7.97
C SER F 74 -72.58 -11.86 8.86
N ARG F 75 -72.89 -11.89 10.15
CA ARG F 75 -72.03 -12.58 11.11
C ARG F 75 -72.89 -13.33 12.12
N ASP F 76 -72.62 -14.62 12.27
CA ASP F 76 -73.28 -15.47 13.25
C ASP F 76 -72.29 -15.76 14.37
N ASN F 77 -72.64 -15.33 15.58
CA ASN F 77 -71.80 -15.49 16.76
C ASN F 77 -71.93 -16.87 17.41
N ALA F 78 -72.83 -17.71 16.91
CA ALA F 78 -73.02 -19.02 17.53
C ALA F 78 -71.95 -20.00 17.08
N LYS F 79 -71.84 -20.24 15.77
CA LYS F 79 -70.78 -21.08 15.23
C LYS F 79 -69.52 -20.29 14.88
N ASN F 80 -69.51 -19.00 15.17
CA ASN F 80 -68.42 -18.06 14.88
C ASN F 80 -68.08 -18.06 13.38
N THR F 81 -69.08 -17.69 12.57
CA THR F 81 -68.91 -17.70 11.12
C THR F 81 -69.35 -16.36 10.56
N VAL F 82 -68.78 -16.00 9.42
CA VAL F 82 -69.23 -14.83 8.67
C VAL F 82 -69.65 -15.26 7.27
N TYR F 83 -70.80 -14.78 6.83
CA TYR F 83 -71.35 -15.14 5.54
C TYR F 83 -71.30 -13.94 4.61
N LEU F 84 -71.02 -14.21 3.35
CA LEU F 84 -71.07 -13.23 2.27
C LEU F 84 -72.04 -13.77 1.23
N GLN F 85 -73.25 -13.23 1.19
CA GLN F 85 -74.23 -13.63 0.19
C GLN F 85 -74.04 -12.71 -1.00
N MET F 86 -73.69 -13.31 -2.14
CA MET F 86 -73.40 -12.58 -3.36
C MET F 86 -74.63 -12.64 -4.26
N ASN F 87 -75.10 -11.47 -4.67
CA ASN F 87 -76.25 -11.32 -5.55
C ASN F 87 -75.81 -10.62 -6.82
N SER F 88 -76.46 -10.98 -7.93
CA SER F 88 -76.32 -10.32 -9.24
C SER F 88 -74.86 -10.29 -9.72
N LEU F 89 -74.35 -11.48 -10.03
CA LEU F 89 -72.95 -11.63 -10.39
C LEU F 89 -72.68 -11.07 -11.79
N LYS F 90 -71.50 -10.49 -11.94
CA LYS F 90 -70.99 -10.06 -13.23
C LYS F 90 -69.98 -11.07 -13.76
N PRO F 91 -69.78 -11.15 -15.08
CA PRO F 91 -68.79 -12.09 -15.62
C PRO F 91 -67.34 -11.70 -15.35
N GLU F 92 -67.07 -10.48 -14.91
CA GLU F 92 -65.72 -10.03 -14.60
C GLU F 92 -65.33 -10.30 -13.15
N ASP F 93 -66.09 -11.14 -12.43
CA ASP F 93 -65.87 -11.36 -11.01
C ASP F 93 -65.37 -12.76 -10.69
N THR F 94 -64.82 -13.48 -11.66
CA THR F 94 -64.24 -14.80 -11.40
C THR F 94 -62.94 -14.63 -10.63
N ALA F 95 -62.94 -14.99 -9.35
CA ALA F 95 -61.79 -14.70 -8.51
C ALA F 95 -61.75 -15.66 -7.34
N VAL F 96 -60.60 -15.70 -6.66
CA VAL F 96 -60.46 -16.49 -5.44
C VAL F 96 -60.85 -15.57 -4.28
N TYR F 97 -61.65 -16.09 -3.36
CA TYR F 97 -62.15 -15.32 -2.24
C TYR F 97 -61.49 -15.80 -0.96
N TYR F 98 -60.90 -14.87 -0.21
CA TYR F 98 -60.30 -15.13 1.09
C TYR F 98 -61.07 -14.39 2.17
N CYS F 99 -60.95 -14.88 3.39
CA CYS F 99 -61.61 -14.31 4.56
C CYS F 99 -60.53 -13.96 5.59
N GLU F 100 -60.20 -12.68 5.72
CA GLU F 100 -59.02 -12.25 6.44
C GLU F 100 -59.39 -11.63 7.77
N VAL F 101 -58.40 -11.56 8.66
CA VAL F 101 -58.55 -10.99 9.99
C VAL F 101 -57.19 -10.43 10.39
N TYR F 102 -57.16 -9.57 11.40
CA TYR F 102 -55.95 -8.91 11.85
C TYR F 102 -55.50 -9.52 13.17
N VAL F 103 -54.38 -10.24 13.14
CA VAL F 103 -53.70 -10.61 14.38
C VAL F 103 -52.22 -10.29 14.28
N GLY F 104 -51.84 -9.06 14.62
CA GLY F 104 -50.46 -8.65 14.45
C GLY F 104 -50.14 -8.32 13.01
N TYR F 105 -50.74 -9.10 12.11
CA TYR F 105 -50.56 -9.03 10.67
C TYR F 105 -51.91 -9.34 10.04
N PHE F 106 -51.96 -9.53 8.72
CA PHE F 106 -53.20 -9.88 8.04
C PHE F 106 -53.21 -11.38 7.76
N TYR F 107 -53.92 -12.13 8.59
CA TYR F 107 -54.02 -13.56 8.44
C TYR F 107 -55.22 -13.91 7.57
N HIS F 108 -54.99 -14.72 6.54
CA HIS F 108 -56.02 -15.10 5.59
C HIS F 108 -56.09 -16.62 5.50
N GLY F 109 -57.12 -17.11 4.80
CA GLY F 109 -57.37 -18.52 4.65
C GLY F 109 -57.07 -19.01 3.25
N GLN F 110 -57.53 -20.24 2.98
CA GLN F 110 -57.27 -20.85 1.69
C GLN F 110 -58.03 -20.15 0.57
N GLY F 111 -59.30 -19.84 0.80
CA GLY F 111 -60.11 -19.18 -0.21
C GLY F 111 -60.72 -20.15 -1.20
N THR F 112 -61.83 -19.71 -1.80
CA THR F 112 -62.57 -20.53 -2.75
C THR F 112 -62.73 -19.79 -4.06
N GLN F 113 -62.65 -20.53 -5.17
CA GLN F 113 -62.78 -19.97 -6.50
C GLN F 113 -64.25 -19.76 -6.83
N VAL F 114 -64.60 -18.56 -7.29
CA VAL F 114 -65.89 -18.33 -7.92
C VAL F 114 -65.63 -18.04 -9.40
N THR F 115 -66.39 -18.71 -10.26
CA THR F 115 -66.28 -18.56 -11.70
C THR F 115 -67.64 -18.24 -12.28
N VAL F 116 -67.68 -17.32 -13.24
CA VAL F 116 -68.93 -16.88 -13.84
C VAL F 116 -68.78 -16.78 -15.35
N1 XGD G . -39.90 -2.06 10.63
N3 XGD G . -37.39 -0.43 10.59
C4 XGD G . -40.70 -1.48 9.56
C5 XGD G . -40.04 -1.67 11.90
C6 XGD G . -38.94 -1.99 12.85
C7 XGD G . -39.13 -3.00 13.78
C8 XGD G . -38.14 -3.32 14.68
C10 XGD G . -36.71 -1.63 13.74
C13 XGD G . -37.08 1.67 11.17
C15 XGD G . -45.05 -1.41 7.84
C17 XGD G . -43.88 3.37 8.51
C20 XGD G . -46.32 3.90 11.34
C21 XGD G . -46.34 4.55 12.58
C22 XGD G . -47.48 4.55 13.37
C24 XGD G . -48.65 3.27 11.68
C26 XGD G . -50.84 4.63 10.29
C28 XGD G . -47.50 3.28 10.90
N XGD G . -43.12 1.53 6.68
C XGD G . -43.48 0.19 6.99
O XGD G . -41.03 -1.04 12.27
C1 XGD G . -42.44 -0.62 7.42
C11 XGD G . -37.71 -1.31 12.83
C12 XGD G . -37.16 0.78 10.12
C14 XGD G . -44.00 -2.20 8.30
C16 XGD G . -44.79 -0.22 7.21
C18 XGD G . -45.07 3.55 9.20
C19 XGD G . -45.06 3.78 10.57
C2 XGD G . -42.68 -1.80 8.12
C23 XGD G . -48.63 3.91 12.92
C25 XGD G . -49.87 2.53 11.25
C27 XGD G . -52.09 2.53 10.33
C29 XGD G . -43.84 3.85 11.23
C3 XGD G . -41.55 -2.50 8.84
C30 XGD G . -42.65 3.69 10.56
C31 XGD G . -42.65 3.45 9.20
C32 XGD G . -40.28 3.18 9.15
C9 XGD G . -36.94 -2.65 14.66
N2 XGD G . -37.47 -0.24 11.91
N4 XGD G . -37.27 1.01 12.31
N5 XGD G . -50.85 3.22 10.65
O1 XGD G . -43.14 3.90 6.09
O2 XGD G . -45.29 2.75 6.44
O3 XGD G . -49.93 1.34 11.46
O4 XGD G . -41.52 3.23 8.46
S XGD G . -43.93 2.95 6.80
#